data_5OJK
#
_entry.id   5OJK
#
_cell.length_a   49.570
_cell.length_b   118.050
_cell.length_c   214.340
_cell.angle_alpha   90.00
_cell.angle_beta   90.00
_cell.angle_gamma   90.00
#
_symmetry.space_group_name_H-M   'P 2 21 21'
#
loop_
_entity.id
_entity.type
_entity.pdbx_description
1 polymer Neuroligin-1,Neuroligin-1
2 non-polymer 2-acetamido-2-deoxy-beta-D-glucopyranose
3 non-polymer 'TRIETHYLENE GLYCOL'
4 water water
#
_entity_poly.entity_id   1
_entity_poly.type   'polypeptide(L)'
_entity_poly.pdbx_seq_one_letter_code
;ETGQKLDDVDPLVATNFGKIRGIKKELNNEILGPVIQFLGVPYAAPPTGERRFQPPEPPSPWSDIRNATQFAPVCPQNII
DGRLPEVMLPVWFTNNLDVVSSYVQDQSEDCLYLNIYVPTEDDIRDSGGPKPVMVYIHGGSYMEGTGNLYDGSVLASYGN
VIVITVNYRLGVLGFLSTGDQAAKGNYGLLDLIQALRWTSENIGFFGGDPLRITVFGSGAGGSCVNLLTLSHYSEGNRWS
NSTKGLFQRAIAQSGTALSSWAVSFQPAKYARMLATKVGCNVSDTVELVECLQKKPYKELVDQDIQPARYHIAFGPVIDG
DVIPDDPQILMEQGEFLNYDIMLGVNQGEGLKFVENIVDSDDGISASDFDFAVSNFVDNLYGYPEGKDVLRETIKFMYTD
WADRHNPETRRKTLLALFTDHQWVAPAVATADLHSNFGSPTYFYAFYHHCQTDQVPAWADAAHGDEVPYVLGIPMIGPTE
LFPCNFSKNDVMLSAVVMTYWTNFAKTGDPNQPVPQDTKFIHTKPNRFEEVAWTRYSQKDQLYLHIGLKPRVKEHYRANK
VNLWLELVPHLHNLNDRTKHHHHHH
;
_entity_poly.pdbx_strand_id   A,B
#
# COMPACT_ATOMS: atom_id res chain seq x y z
N ASP A 10 -15.86 -56.67 20.84
CA ASP A 10 -15.78 -55.32 21.38
C ASP A 10 -14.36 -54.78 21.27
N PRO A 11 -14.20 -53.45 21.32
CA PRO A 11 -12.87 -52.86 21.18
C PRO A 11 -12.17 -52.66 22.52
N LEU A 12 -11.19 -53.50 22.81
CA LEU A 12 -10.42 -53.40 24.04
C LEU A 12 -9.00 -52.97 23.75
N VAL A 13 -8.44 -52.17 24.65
CA VAL A 13 -7.06 -51.74 24.52
C VAL A 13 -6.40 -51.74 25.89
N ALA A 14 -5.21 -52.33 25.96
CA ALA A 14 -4.42 -52.32 27.18
C ALA A 14 -3.47 -51.13 27.18
N THR A 15 -3.47 -50.38 28.27
CA THR A 15 -2.52 -49.28 28.43
C THR A 15 -1.68 -49.54 29.67
N ASN A 16 -0.73 -48.65 29.91
CA ASN A 16 0.18 -48.80 31.04
C ASN A 16 -0.52 -48.56 32.38
N PHE A 17 -1.79 -48.17 32.35
CA PHE A 17 -2.54 -47.93 33.57
C PHE A 17 -3.77 -48.86 33.66
N GLY A 18 -3.94 -49.71 32.65
CA GLY A 18 -5.08 -50.61 32.61
C GLY A 18 -5.75 -50.71 31.26
N LYS A 19 -6.67 -51.66 31.15
CA LYS A 19 -7.42 -51.87 29.92
C LYS A 19 -8.63 -50.94 29.85
N ILE A 20 -8.93 -50.48 28.64
CA ILE A 20 -10.08 -49.61 28.43
C ILE A 20 -10.89 -50.09 27.24
N ARG A 21 -12.20 -49.88 27.31
CA ARG A 21 -13.11 -50.26 26.25
C ARG A 21 -13.63 -49.02 25.54
N GLY A 22 -13.40 -48.95 24.23
CA GLY A 22 -13.95 -47.88 23.43
C GLY A 22 -15.35 -48.21 22.94
N ILE A 23 -15.84 -47.43 21.98
CA ILE A 23 -17.15 -47.69 21.40
C ILE A 23 -17.12 -47.38 19.90
N LYS A 24 -17.57 -48.34 19.10
CA LYS A 24 -17.59 -48.15 17.65
C LYS A 24 -18.64 -47.10 17.29
N LYS A 25 -18.38 -46.37 16.23
CA LYS A 25 -19.25 -45.26 15.84
C LYS A 25 -19.34 -45.16 14.32
N GLU A 26 -20.55 -45.32 13.79
CA GLU A 26 -20.78 -45.17 12.35
C GLU A 26 -20.93 -43.70 12.02
N LEU A 27 -20.34 -43.28 10.91
CA LEU A 27 -20.42 -41.89 10.48
C LEU A 27 -21.50 -41.73 9.41
N ASN A 28 -22.12 -40.55 9.39
CA ASN A 28 -23.24 -40.29 8.49
C ASN A 28 -22.75 -39.92 7.08
N ASN A 29 -21.95 -40.79 6.48
CA ASN A 29 -21.50 -40.60 5.11
C ASN A 29 -21.06 -41.92 4.49
N GLU A 30 -21.30 -42.05 3.18
CA GLU A 30 -21.02 -43.29 2.45
C GLU A 30 -19.52 -43.52 2.29
N ILE A 31 -18.79 -42.45 2.01
CA ILE A 31 -17.35 -42.53 1.74
C ILE A 31 -16.54 -42.85 2.98
N LEU A 32 -17.14 -42.67 4.16
CA LEU A 32 -16.39 -42.76 5.42
C LEU A 32 -16.58 -44.07 6.16
N GLY A 33 -15.45 -44.69 6.53
CA GLY A 33 -15.47 -45.87 7.37
C GLY A 33 -15.67 -45.50 8.84
N PRO A 34 -15.96 -46.50 9.68
CA PRO A 34 -16.27 -46.25 11.09
C PRO A 34 -15.02 -45.98 11.92
N VAL A 35 -15.23 -45.53 13.16
CA VAL A 35 -14.13 -45.25 14.06
C VAL A 35 -14.48 -45.75 15.46
N ILE A 36 -13.48 -46.22 16.20
CA ILE A 36 -13.66 -46.51 17.60
C ILE A 36 -13.21 -45.28 18.36
N GLN A 37 -14.05 -44.79 19.26
CA GLN A 37 -13.71 -43.62 20.03
C GLN A 37 -13.60 -43.96 21.51
N PHE A 38 -12.49 -43.55 22.10
CA PHE A 38 -12.23 -43.77 23.51
C PHE A 38 -12.42 -42.46 24.25
N LEU A 39 -13.59 -42.29 24.86
CA LEU A 39 -13.96 -41.05 25.51
C LEU A 39 -13.73 -41.11 27.01
N GLY A 40 -13.10 -40.08 27.55
CA GLY A 40 -12.88 -39.97 28.98
C GLY A 40 -11.74 -40.84 29.47
N VAL A 41 -10.59 -40.72 28.81
CA VAL A 41 -9.40 -41.46 29.20
C VAL A 41 -8.53 -40.57 30.09
N PRO A 42 -8.33 -40.97 31.36
CA PRO A 42 -7.47 -40.13 32.21
C PRO A 42 -6.00 -40.14 31.79
N TYR A 43 -5.41 -38.96 31.62
CA TYR A 43 -4.00 -38.86 31.29
C TYR A 43 -3.22 -38.26 32.45
N ALA A 44 -3.91 -37.99 33.54
CA ALA A 44 -3.28 -37.40 34.72
C ALA A 44 -4.11 -37.67 35.97
N ALA A 45 -3.47 -37.53 37.12
CA ALA A 45 -4.17 -37.65 38.38
C ALA A 45 -5.09 -36.44 38.52
N PRO A 46 -6.23 -36.61 39.20
CA PRO A 46 -7.09 -35.43 39.40
C PRO A 46 -6.34 -34.31 40.11
N PRO A 47 -6.32 -33.10 39.54
CA PRO A 47 -5.59 -32.00 40.17
C PRO A 47 -6.39 -31.36 41.29
N THR A 48 -6.75 -32.18 42.29
CA THR A 48 -7.63 -31.73 43.36
C THR A 48 -6.88 -31.58 44.68
N GLY A 49 -7.48 -30.81 45.59
CA GLY A 49 -6.92 -30.60 46.91
C GLY A 49 -5.54 -29.98 46.90
N GLU A 50 -4.55 -30.73 47.38
CA GLU A 50 -3.19 -30.22 47.48
C GLU A 50 -2.51 -30.17 46.12
N ARG A 51 -3.11 -30.80 45.12
CA ARG A 51 -2.55 -30.81 43.78
C ARG A 51 -3.16 -29.72 42.89
N ARG A 52 -3.99 -28.88 43.48
CA ARG A 52 -4.43 -27.66 42.81
C ARG A 52 -3.27 -26.68 42.82
N PHE A 53 -3.06 -25.99 41.70
CA PHE A 53 -1.93 -25.08 41.56
C PHE A 53 -0.62 -25.84 41.68
N GLN A 54 -0.62 -27.08 41.23
CA GLN A 54 0.57 -27.92 41.22
C GLN A 54 0.69 -28.62 39.87
N PRO A 55 1.92 -28.98 39.48
CA PRO A 55 2.07 -29.71 38.22
C PRO A 55 1.27 -31.01 38.22
N PRO A 56 0.80 -31.44 37.03
CA PRO A 56 -0.02 -32.65 36.93
C PRO A 56 0.76 -33.93 37.23
N GLU A 57 0.20 -34.79 38.08
CA GLU A 57 0.79 -36.10 38.35
C GLU A 57 0.19 -37.14 37.40
N PRO A 58 0.86 -38.27 37.21
CA PRO A 58 0.31 -39.31 36.34
C PRO A 58 -0.94 -39.96 36.92
N PRO A 59 -1.77 -40.57 36.07
CA PRO A 59 -3.02 -41.16 36.55
C PRO A 59 -2.81 -42.44 37.34
N SER A 60 -3.76 -42.74 38.22
CA SER A 60 -3.70 -43.96 39.00
C SER A 60 -4.06 -45.15 38.13
N PRO A 61 -3.38 -46.28 38.31
CA PRO A 61 -3.77 -47.45 37.54
C PRO A 61 -5.05 -48.08 38.10
N TRP A 62 -5.78 -48.79 37.24
CA TRP A 62 -7.01 -49.47 37.66
C TRP A 62 -6.87 -50.94 37.31
N SER A 63 -7.46 -51.79 38.14
CA SER A 63 -7.27 -53.23 38.03
C SER A 63 -8.00 -53.89 36.86
N ASP A 64 -9.23 -53.47 36.60
CA ASP A 64 -10.09 -54.16 35.65
C ASP A 64 -10.19 -53.43 34.31
N ILE A 65 -11.33 -53.58 33.63
CA ILE A 65 -11.57 -52.88 32.38
C ILE A 65 -12.34 -51.62 32.66
N ARG A 66 -11.83 -50.50 32.19
CA ARG A 66 -12.47 -49.21 32.36
C ARG A 66 -13.17 -48.77 31.09
N ASN A 67 -14.46 -48.45 31.20
CA ASN A 67 -15.19 -47.96 30.04
C ASN A 67 -14.87 -46.51 29.70
N ALA A 68 -14.41 -46.31 28.48
CA ALA A 68 -14.18 -44.98 27.94
C ALA A 68 -15.18 -44.74 26.81
N THR A 69 -16.44 -44.53 27.16
CA THR A 69 -17.53 -44.47 26.19
C THR A 69 -18.38 -43.21 26.30
N GLN A 70 -18.08 -42.36 27.28
CA GLN A 70 -18.80 -41.10 27.46
C GLN A 70 -17.84 -40.00 27.85
N PHE A 71 -18.13 -38.77 27.42
CA PHE A 71 -17.32 -37.64 27.84
C PHE A 71 -17.27 -37.54 29.35
N ALA A 72 -16.10 -37.18 29.87
CA ALA A 72 -15.95 -36.89 31.29
C ALA A 72 -16.39 -35.46 31.56
N PRO A 73 -16.74 -35.15 32.82
CA PRO A 73 -17.06 -33.75 33.10
C PRO A 73 -15.90 -32.83 32.71
N VAL A 74 -16.21 -31.66 32.18
CA VAL A 74 -15.16 -30.76 31.67
C VAL A 74 -14.56 -29.95 32.82
N CYS A 75 -13.56 -29.15 32.51
CA CYS A 75 -12.88 -28.35 33.53
C CYS A 75 -13.74 -27.16 33.94
N PRO A 76 -13.62 -26.73 35.22
CA PRO A 76 -14.48 -25.66 35.73
C PRO A 76 -14.44 -24.41 34.87
N GLN A 77 -15.61 -23.87 34.57
CA GLN A 77 -15.72 -22.69 33.72
C GLN A 77 -17.12 -22.09 33.84
N ASN A 78 -17.26 -20.83 33.48
CA ASN A 78 -18.56 -20.17 33.53
C ASN A 78 -18.76 -19.29 32.30
N ILE A 79 -19.59 -19.77 31.37
CA ILE A 79 -19.89 -19.03 30.15
C ILE A 79 -21.32 -18.48 30.16
N ILE A 80 -22.09 -18.84 31.18
CA ILE A 80 -23.47 -18.38 31.28
C ILE A 80 -23.54 -17.03 31.98
N ASP A 81 -22.68 -16.82 32.96
CA ASP A 81 -22.64 -15.56 33.70
C ASP A 81 -21.39 -14.78 33.37
N ARG A 83 -20.87 -12.37 30.92
CA ARG A 83 -19.85 -11.48 30.38
C ARG A 83 -18.60 -12.29 29.99
N LEU A 84 -18.42 -12.48 28.69
CA LEU A 84 -17.24 -13.19 28.18
C LEU A 84 -16.68 -12.45 26.96
N PRO A 85 -15.35 -12.55 26.75
CA PRO A 85 -14.70 -11.79 25.68
C PRO A 85 -15.02 -12.30 24.28
N GLU A 86 -16.10 -11.83 23.69
CA GLU A 86 -16.54 -12.31 22.38
C GLU A 86 -15.46 -12.14 21.32
N VAL A 87 -14.56 -11.18 21.53
CA VAL A 87 -13.59 -10.82 20.50
C VAL A 87 -12.51 -11.90 20.39
N MET A 88 -12.23 -12.60 21.48
CA MET A 88 -11.27 -13.72 21.46
C MET A 88 -11.97 -15.00 21.04
N LEU A 89 -13.24 -15.14 21.45
CA LEU A 89 -13.96 -16.39 21.27
C LEU A 89 -14.38 -16.61 19.82
N PRO A 90 -14.28 -17.85 19.33
CA PRO A 90 -14.80 -18.16 17.99
C PRO A 90 -16.26 -17.76 17.85
N VAL A 91 -16.67 -17.41 16.63
CA VAL A 91 -18.03 -16.93 16.42
C VAL A 91 -19.04 -18.05 16.62
N TRP A 92 -18.74 -19.24 16.10
CA TRP A 92 -19.65 -20.37 16.26
C TRP A 92 -19.85 -20.69 17.74
N PHE A 93 -18.90 -20.27 18.56
CA PHE A 93 -19.00 -20.45 20.01
C PHE A 93 -20.06 -19.51 20.58
N THR A 94 -19.85 -18.21 20.42
CA THR A 94 -20.75 -17.21 21.00
C THR A 94 -22.14 -17.20 20.36
N ASN A 95 -22.22 -17.63 19.10
CA ASN A 95 -23.47 -17.57 18.36
C ASN A 95 -24.54 -18.49 18.96
N ASN A 96 -24.16 -19.72 19.29
CA ASN A 96 -25.07 -20.63 19.98
C ASN A 96 -24.44 -21.17 21.26
N LEU A 97 -24.41 -20.31 22.28
CA LEU A 97 -23.91 -20.69 23.60
C LEU A 97 -24.82 -21.75 24.22
N ASP A 98 -26.09 -21.75 23.84
CA ASP A 98 -27.05 -22.68 24.40
C ASP A 98 -26.62 -24.12 24.15
N VAL A 99 -26.16 -24.42 22.94
CA VAL A 99 -25.69 -25.75 22.62
C VAL A 99 -24.34 -25.97 23.27
N VAL A 100 -23.46 -24.98 23.12
CA VAL A 100 -22.14 -25.04 23.69
C VAL A 100 -22.23 -25.30 25.19
N SER A 101 -23.27 -24.77 25.83
CA SER A 101 -23.45 -24.93 27.27
C SER A 101 -23.69 -26.38 27.66
N SER A 102 -24.48 -27.09 26.86
CA SER A 102 -24.79 -28.49 27.15
C SER A 102 -23.51 -29.33 27.18
N TYR A 103 -22.48 -28.86 26.48
CA TYR A 103 -21.18 -29.52 26.48
C TYR A 103 -20.37 -29.20 27.73
N VAL A 104 -20.79 -28.17 28.45
CA VAL A 104 -20.00 -27.62 29.55
C VAL A 104 -20.77 -27.69 30.87
N GLN A 105 -22.00 -28.17 30.83
CA GLN A 105 -22.82 -28.28 32.03
C GLN A 105 -22.14 -29.08 33.14
N ASP A 106 -21.63 -30.27 32.81
CA ASP A 106 -21.08 -31.16 33.83
C ASP A 106 -19.61 -30.86 34.08
N GLN A 107 -19.33 -30.21 35.21
CA GLN A 107 -17.98 -29.76 35.52
C GLN A 107 -17.40 -30.39 36.78
N SER A 108 -16.09 -30.40 36.86
CA SER A 108 -15.37 -30.98 37.97
C SER A 108 -13.90 -30.58 37.91
N GLU A 109 -13.30 -30.34 39.07
CA GLU A 109 -11.87 -30.05 39.14
C GLU A 109 -11.11 -31.27 38.62
N ASP A 110 -11.72 -32.44 38.78
CA ASP A 110 -11.23 -33.67 38.19
C ASP A 110 -11.62 -33.68 36.71
N CYS A 111 -10.79 -33.09 35.86
CA CYS A 111 -11.16 -32.90 34.46
C CYS A 111 -10.05 -33.20 33.48
N LEU A 112 -8.94 -33.76 33.97
CA LEU A 112 -7.82 -34.08 33.08
C LEU A 112 -8.11 -35.39 32.34
N TYR A 113 -8.87 -35.27 31.26
CA TYR A 113 -9.22 -36.42 30.43
C TYR A 113 -9.10 -36.05 28.97
N LEU A 114 -8.76 -37.03 28.14
CA LEU A 114 -8.65 -36.81 26.71
C LEU A 114 -9.46 -37.87 25.97
N ASN A 115 -9.79 -37.57 24.71
CA ASN A 115 -10.59 -38.47 23.90
C ASN A 115 -9.80 -38.93 22.67
N ILE A 116 -9.90 -40.21 22.35
CA ILE A 116 -9.21 -40.79 21.20
C ILE A 116 -10.22 -41.14 20.11
N TYR A 117 -9.86 -40.85 18.86
CA TYR A 117 -10.65 -41.28 17.71
C TYR A 117 -9.77 -42.11 16.78
N VAL A 118 -10.07 -43.40 16.69
CA VAL A 118 -9.23 -44.35 15.96
C VAL A 118 -9.93 -44.82 14.68
N PRO A 119 -9.21 -44.83 13.54
CA PRO A 119 -9.88 -45.28 12.31
C PRO A 119 -10.12 -46.78 12.25
N THR A 120 -10.56 -47.27 11.09
CA THR A 120 -10.84 -48.68 10.89
C THR A 120 -10.41 -49.11 9.49
N GLY A 128 -0.66 -50.47 6.52
CA GLY A 128 -0.40 -51.50 7.50
C GLY A 128 0.74 -51.13 8.44
N GLY A 129 0.67 -49.93 8.99
CA GLY A 129 1.66 -49.45 9.93
C GLY A 129 1.07 -48.45 10.91
N PRO A 130 1.83 -48.15 11.98
CA PRO A 130 1.35 -47.18 12.99
C PRO A 130 0.92 -45.86 12.34
N LYS A 131 -0.20 -45.31 12.79
CA LYS A 131 -0.76 -44.14 12.13
C LYS A 131 -0.28 -42.85 12.79
N PRO A 132 -0.28 -41.73 12.03
CA PRO A 132 0.03 -40.44 12.63
C PRO A 132 -0.97 -40.08 13.71
N VAL A 133 -0.56 -39.28 14.68
CA VAL A 133 -1.45 -38.88 15.75
C VAL A 133 -1.60 -37.36 15.75
N MET A 134 -2.84 -36.90 15.58
CA MET A 134 -3.15 -35.49 15.62
C MET A 134 -3.82 -35.15 16.94
N VAL A 135 -3.09 -34.45 17.80
CA VAL A 135 -3.59 -34.04 19.11
C VAL A 135 -4.14 -32.63 19.01
N TYR A 136 -5.43 -32.47 19.26
CA TYR A 136 -6.04 -31.14 19.19
C TYR A 136 -6.04 -30.42 20.53
N ILE A 137 -5.61 -29.16 20.49
CA ILE A 137 -5.57 -28.32 21.68
C ILE A 137 -6.56 -27.16 21.51
N HIS A 138 -7.69 -27.27 22.19
CA HIS A 138 -8.74 -26.25 22.09
C HIS A 138 -8.31 -24.97 22.80
N GLY A 139 -9.17 -23.96 22.77
CA GLY A 139 -8.91 -22.73 23.49
C GLY A 139 -9.56 -21.50 22.90
N GLY A 140 -10.15 -20.67 23.75
CA GLY A 140 -10.74 -19.41 23.33
C GLY A 140 -10.02 -18.22 23.95
N SER A 141 -10.20 -18.05 25.26
CA SER A 141 -9.55 -16.97 26.00
C SER A 141 -8.68 -17.52 27.13
N TYR A 142 -8.43 -18.83 27.09
CA TYR A 142 -7.81 -19.56 28.20
C TYR A 142 -8.78 -19.79 29.35
N MET A 143 -9.96 -19.18 29.29
CA MET A 143 -10.89 -19.20 30.40
C MET A 143 -11.88 -20.36 30.31
N GLU A 144 -12.13 -20.84 29.10
CA GLU A 144 -13.20 -21.79 28.89
C GLU A 144 -12.95 -22.73 27.71
N GLY A 145 -13.93 -23.57 27.44
CA GLY A 145 -13.86 -24.51 26.34
C GLY A 145 -13.67 -25.94 26.77
N THR A 146 -13.58 -26.83 25.79
CA THR A 146 -13.35 -28.24 26.02
C THR A 146 -13.00 -28.90 24.70
N GLY A 147 -12.19 -29.95 24.76
CA GLY A 147 -11.87 -30.72 23.56
C GLY A 147 -13.07 -31.46 23.06
N ASN A 148 -14.07 -31.60 23.92
CA ASN A 148 -15.29 -32.35 23.59
C ASN A 148 -16.07 -31.69 22.46
N LEU A 149 -15.98 -30.37 22.36
CA LEU A 149 -16.68 -29.63 21.31
C LEU A 149 -16.20 -30.01 19.92
N TYR A 150 -14.97 -30.51 19.83
CA TYR A 150 -14.33 -30.78 18.55
C TYR A 150 -14.34 -32.26 18.25
N ASP A 151 -15.39 -32.71 17.55
CA ASP A 151 -15.54 -34.11 17.19
C ASP A 151 -14.47 -34.51 16.19
N GLY A 152 -13.62 -35.46 16.57
CA GLY A 152 -12.51 -35.88 15.74
C GLY A 152 -12.77 -37.12 14.90
N SER A 153 -14.04 -37.49 14.76
CA SER A 153 -14.41 -38.71 14.07
C SER A 153 -14.07 -38.68 12.57
N VAL A 154 -14.60 -37.69 11.87
CA VAL A 154 -14.45 -37.61 10.42
C VAL A 154 -13.00 -37.44 10.02
N LEU A 155 -12.28 -36.58 10.74
CA LEU A 155 -10.88 -36.31 10.41
C LEU A 155 -10.06 -37.61 10.47
N ALA A 156 -10.27 -38.37 11.53
CA ALA A 156 -9.57 -39.64 11.72
C ALA A 156 -9.93 -40.61 10.61
N SER A 157 -11.23 -40.71 10.32
CA SER A 157 -11.72 -41.65 9.31
C SER A 157 -11.25 -41.23 7.91
N TYR A 158 -11.54 -39.99 7.54
CA TYR A 158 -11.17 -39.49 6.23
C TYR A 158 -9.66 -39.55 6.01
N GLY A 159 -8.92 -39.06 6.99
CA GLY A 159 -7.47 -38.97 6.87
C GLY A 159 -6.71 -40.26 7.18
N ASN A 160 -7.39 -41.20 7.82
CA ASN A 160 -6.73 -42.42 8.30
C ASN A 160 -5.60 -42.04 9.24
N VAL A 161 -5.94 -41.26 10.26
CA VAL A 161 -5.01 -40.90 11.31
C VAL A 161 -5.73 -41.00 12.65
N ILE A 162 -4.97 -41.11 13.74
CA ILE A 162 -5.58 -41.05 15.06
C ILE A 162 -5.71 -39.59 15.45
N VAL A 163 -6.88 -39.22 15.95
CA VAL A 163 -7.11 -37.86 16.41
C VAL A 163 -7.38 -37.88 17.90
N ILE A 164 -6.78 -36.95 18.62
CA ILE A 164 -6.98 -36.84 20.06
C ILE A 164 -7.42 -35.42 20.42
N THR A 165 -8.38 -35.33 21.33
CA THR A 165 -8.80 -34.06 21.89
C THR A 165 -8.53 -34.09 23.39
N VAL A 166 -8.04 -32.99 23.95
CA VAL A 166 -7.62 -32.96 25.33
C VAL A 166 -8.39 -31.93 26.13
N ASN A 167 -8.55 -32.22 27.42
CA ASN A 167 -9.07 -31.23 28.36
C ASN A 167 -7.97 -30.89 29.36
N TYR A 168 -7.66 -29.60 29.45
CA TYR A 168 -6.61 -29.11 30.32
C TYR A 168 -7.17 -28.03 31.24
N ARG A 169 -6.53 -27.82 32.38
CA ARG A 169 -7.01 -26.86 33.36
C ARG A 169 -7.16 -25.47 32.73
N LEU A 170 -8.24 -24.79 33.10
CA LEU A 170 -8.60 -23.51 32.50
C LEU A 170 -8.63 -22.39 33.51
N GLY A 171 -8.60 -21.15 33.01
CA GLY A 171 -8.79 -19.98 33.83
C GLY A 171 -7.89 -19.93 35.05
N VAL A 172 -8.50 -19.62 36.19
CA VAL A 172 -7.78 -19.52 37.46
C VAL A 172 -6.99 -20.79 37.77
N LEU A 173 -7.69 -21.92 37.80
CA LEU A 173 -7.08 -23.18 38.24
C LEU A 173 -5.90 -23.57 37.34
N GLY A 174 -5.98 -23.19 36.07
CA GLY A 174 -4.96 -23.59 35.12
C GLY A 174 -3.83 -22.59 34.91
N PHE A 175 -4.00 -21.36 35.37
CA PHE A 175 -3.04 -20.31 35.04
C PHE A 175 -2.82 -19.26 36.12
N LEU A 176 -3.50 -19.38 37.26
CA LEU A 176 -3.28 -18.42 38.34
C LEU A 176 -1.82 -18.43 38.74
N SER A 177 -1.23 -17.25 38.90
CA SER A 177 0.15 -17.14 39.35
C SER A 177 0.33 -15.93 40.23
N THR A 178 1.17 -16.07 41.25
CA THR A 178 1.41 -15.01 42.21
C THR A 178 2.72 -14.27 41.92
N GLY A 179 3.42 -14.71 40.88
CA GLY A 179 4.72 -14.16 40.54
C GLY A 179 5.83 -14.74 41.42
N ASP A 180 5.50 -15.82 42.12
CA ASP A 180 6.42 -16.45 43.06
C ASP A 180 6.53 -17.94 42.80
N GLN A 181 7.31 -18.63 43.62
CA GLN A 181 7.35 -20.08 43.60
C GLN A 181 6.12 -20.65 44.31
N ALA A 182 5.37 -19.77 44.97
CA ALA A 182 4.14 -20.17 45.65
C ALA A 182 3.11 -20.66 44.65
N ALA A 183 2.98 -19.94 43.55
CA ALA A 183 2.13 -20.36 42.42
C ALA A 183 2.80 -19.92 41.12
N LYS A 184 3.54 -20.84 40.51
CA LYS A 184 4.34 -20.52 39.33
C LYS A 184 3.51 -20.47 38.04
N GLY A 185 2.31 -21.02 38.08
CA GLY A 185 1.40 -20.95 36.95
C GLY A 185 1.65 -21.99 35.87
N ASN A 186 1.02 -21.77 34.72
CA ASN A 186 1.20 -22.65 33.55
C ASN A 186 0.80 -24.09 33.82
N TYR A 187 -0.13 -24.29 34.74
CA TYR A 187 -0.60 -25.64 35.06
C TYR A 187 -1.31 -26.25 33.85
N GLY A 188 -2.04 -25.41 33.11
CA GLY A 188 -2.72 -25.85 31.91
C GLY A 188 -1.76 -26.35 30.85
N LEU A 189 -0.65 -25.64 30.68
CA LEU A 189 0.34 -26.04 29.68
C LEU A 189 1.03 -27.33 30.11
N LEU A 190 1.29 -27.45 31.41
CA LEU A 190 1.86 -28.68 31.95
C LEU A 190 0.91 -29.86 31.76
N ASP A 191 -0.39 -29.60 31.89
CA ASP A 191 -1.38 -30.65 31.63
C ASP A 191 -1.26 -31.12 30.19
N LEU A 192 -1.16 -30.16 29.27
CA LEU A 192 -0.97 -30.48 27.87
C LEU A 192 0.30 -31.30 27.66
N ILE A 193 1.37 -30.94 28.37
CA ILE A 193 2.60 -31.70 28.31
C ILE A 193 2.34 -33.13 28.76
N GLN A 194 1.60 -33.26 29.86
CA GLN A 194 1.30 -34.57 30.44
C GLN A 194 0.49 -35.43 29.45
N ALA A 195 -0.51 -34.82 28.81
CA ALA A 195 -1.33 -35.53 27.84
C ALA A 195 -0.47 -36.00 26.67
N LEU A 196 0.50 -35.19 26.29
CA LEU A 196 1.39 -35.53 25.18
C LEU A 196 2.37 -36.63 25.55
N ARG A 197 2.77 -36.68 26.82
N ARG A 197 2.77 -36.68 26.82
CA ARG A 197 3.66 -37.73 27.29
CA ARG A 197 3.66 -37.73 27.29
C ARG A 197 2.88 -39.02 27.42
C ARG A 197 2.88 -39.03 27.44
N TRP A 198 1.67 -38.93 27.97
CA TRP A 198 0.78 -40.08 28.07
C TRP A 198 0.58 -40.67 26.68
N THR A 199 0.29 -39.79 25.73
CA THR A 199 0.08 -40.19 24.34
C THR A 199 1.35 -40.81 23.76
N SER A 200 2.48 -40.18 24.04
CA SER A 200 3.76 -40.63 23.49
C SER A 200 4.04 -42.06 23.91
N GLU A 201 3.63 -42.40 25.14
CA GLU A 201 4.01 -43.68 25.73
C GLU A 201 2.85 -44.69 25.77
N ASN A 202 1.69 -44.32 25.23
CA ASN A 202 0.55 -45.25 25.21
C ASN A 202 -0.15 -45.36 23.86
N ILE A 203 0.03 -44.38 22.99
CA ILE A 203 -0.77 -44.35 21.78
C ILE A 203 -0.43 -45.54 20.88
N GLY A 204 0.79 -46.04 21.00
CA GLY A 204 1.20 -47.22 20.25
C GLY A 204 0.28 -48.40 20.46
N PHE A 205 -0.26 -48.53 21.66
CA PHE A 205 -1.18 -49.62 21.99
C PHE A 205 -2.49 -49.46 21.21
N PHE A 206 -2.75 -48.25 20.72
CA PHE A 206 -3.93 -47.98 19.92
C PHE A 206 -3.60 -48.06 18.43
N GLY A 207 -2.34 -48.30 18.11
CA GLY A 207 -1.89 -48.36 16.74
C GLY A 207 -1.37 -47.03 16.24
N GLY A 208 -1.05 -46.13 17.16
CA GLY A 208 -0.52 -44.83 16.81
C GLY A 208 1.00 -44.79 16.72
N ASP A 209 1.50 -43.79 16.00
CA ASP A 209 2.93 -43.63 15.81
C ASP A 209 3.45 -42.50 16.71
N PRO A 210 4.14 -42.85 17.81
CA PRO A 210 4.58 -41.81 18.75
C PRO A 210 5.63 -40.87 18.18
N LEU A 211 6.20 -41.20 17.02
CA LEU A 211 7.21 -40.35 16.39
C LEU A 211 6.65 -39.53 15.23
N ARG A 212 5.35 -39.64 15.00
CA ARG A 212 4.67 -38.75 14.06
C ARG A 212 3.43 -38.16 14.73
N ILE A 213 3.68 -37.41 15.80
CA ILE A 213 2.62 -36.74 16.53
C ILE A 213 2.54 -35.29 16.07
N THR A 214 1.37 -34.88 15.59
CA THR A 214 1.14 -33.49 15.22
C THR A 214 0.21 -32.86 16.24
N VAL A 215 0.63 -31.72 16.78
CA VAL A 215 -0.20 -30.97 17.70
C VAL A 215 -0.82 -29.81 16.93
N PHE A 216 -2.12 -29.60 17.11
CA PHE A 216 -2.80 -28.51 16.41
C PHE A 216 -3.94 -27.93 17.23
N GLY A 217 -4.13 -26.62 17.09
CA GLY A 217 -5.17 -25.92 17.83
C GLY A 217 -5.54 -24.59 17.20
N SER A 218 -6.76 -24.13 17.50
CA SER A 218 -7.25 -22.86 16.97
C SER A 218 -7.47 -21.84 18.09
N GLY A 219 -7.13 -20.59 17.81
CA GLY A 219 -7.30 -19.52 18.79
C GLY A 219 -6.26 -19.57 19.89
N ALA A 220 -6.71 -19.47 21.14
CA ALA A 220 -5.82 -19.63 22.28
C ALA A 220 -5.16 -21.01 22.21
N GLY A 221 -5.89 -21.98 21.67
CA GLY A 221 -5.34 -23.29 21.42
C GLY A 221 -4.13 -23.19 20.51
N GLY A 222 -4.25 -22.35 19.49
CA GLY A 222 -3.13 -22.07 18.61
C GLY A 222 -1.98 -21.42 19.35
N SER A 223 -2.30 -20.51 20.26
CA SER A 223 -1.29 -19.90 21.11
C SER A 223 -0.58 -20.99 21.92
N CYS A 224 -1.35 -21.90 22.50
CA CYS A 224 -0.81 -22.97 23.32
C CYS A 224 0.15 -23.83 22.49
N VAL A 225 -0.24 -24.13 21.25
CA VAL A 225 0.61 -24.91 20.37
C VAL A 225 1.96 -24.22 20.24
N ASN A 226 1.93 -22.92 19.99
CA ASN A 226 3.16 -22.16 19.80
C ASN A 226 3.97 -22.06 21.08
N LEU A 227 3.30 -21.86 22.21
CA LEU A 227 3.99 -21.74 23.48
C LEU A 227 4.75 -23.02 23.82
N LEU A 228 4.17 -24.17 23.47
CA LEU A 228 4.80 -25.45 23.74
C LEU A 228 6.10 -25.62 22.98
N THR A 229 6.13 -25.12 21.74
CA THR A 229 7.34 -25.21 20.92
C THR A 229 8.47 -24.40 21.54
N LEU A 230 8.13 -23.47 22.43
CA LEU A 230 9.13 -22.62 23.09
C LEU A 230 9.55 -23.17 24.46
N SER A 231 8.89 -24.23 24.90
CA SER A 231 9.14 -24.79 26.23
C SER A 231 10.03 -26.01 26.15
N HIS A 232 10.96 -26.14 27.09
CA HIS A 232 11.91 -27.26 27.08
C HIS A 232 11.26 -28.52 27.63
N TYR A 233 10.04 -28.41 28.14
CA TYR A 233 9.28 -29.57 28.60
C TYR A 233 8.77 -30.42 27.43
N SER A 234 8.70 -29.81 26.25
CA SER A 234 8.28 -30.53 25.06
C SER A 234 9.49 -31.14 24.35
N GLU A 235 10.64 -31.13 25.01
CA GLU A 235 11.85 -31.74 24.49
C GLU A 235 12.00 -33.16 25.00
N GLY A 236 12.55 -34.04 24.15
CA GLY A 236 12.83 -35.41 24.54
C GLY A 236 11.66 -36.36 24.45
N ASN A 237 11.88 -37.52 23.82
CA ASN A 237 10.90 -38.60 23.83
C ASN A 237 11.62 -39.94 24.00
N ARG A 238 10.93 -40.88 24.65
CA ARG A 238 11.51 -42.15 25.06
C ARG A 238 12.00 -43.04 23.92
N TRP A 239 11.50 -42.80 22.72
CA TRP A 239 11.65 -43.77 21.63
C TRP A 239 12.87 -43.54 20.75
N SER A 240 13.22 -42.27 20.49
CA SER A 240 14.27 -41.97 19.53
C SER A 240 15.31 -41.01 20.08
N ASN A 241 16.58 -41.27 19.78
CA ASN A 241 17.66 -40.38 20.18
C ASN A 241 17.87 -39.29 19.14
N SER A 242 17.37 -39.52 17.92
CA SER A 242 17.51 -38.56 16.83
C SER A 242 16.41 -37.50 16.88
N THR A 243 15.18 -37.92 17.11
CA THR A 243 14.05 -37.01 17.25
C THR A 243 13.88 -36.65 18.71
N LYS A 244 14.20 -35.40 19.08
CA LYS A 244 14.16 -35.00 20.47
C LYS A 244 12.93 -34.17 20.82
N GLY A 245 11.90 -34.23 19.98
CA GLY A 245 10.63 -33.61 20.31
C GLY A 245 9.62 -34.61 20.83
N LEU A 246 8.80 -34.18 21.80
CA LEU A 246 7.67 -34.98 22.24
C LEU A 246 6.73 -35.16 21.07
N PHE A 247 6.35 -34.01 20.48
CA PHE A 247 5.59 -33.97 19.25
C PHE A 247 6.53 -33.52 18.15
N GLN A 248 6.18 -33.78 16.90
CA GLN A 248 7.11 -33.56 15.79
C GLN A 248 6.65 -32.44 14.86
N ARG A 249 5.35 -32.14 14.86
CA ARG A 249 4.81 -31.11 13.99
C ARG A 249 3.80 -30.26 14.74
N ALA A 250 3.54 -29.07 14.23
CA ALA A 250 2.62 -28.14 14.88
C ALA A 250 1.78 -27.36 13.89
N ILE A 251 0.49 -27.21 14.19
CA ILE A 251 -0.41 -26.37 13.41
C ILE A 251 -1.10 -25.38 14.34
N ALA A 252 -0.91 -24.09 14.08
CA ALA A 252 -1.49 -23.04 14.90
C ALA A 252 -2.45 -22.20 14.06
N GLN A 253 -3.74 -22.38 14.30
CA GLN A 253 -4.78 -21.77 13.48
C GLN A 253 -5.38 -20.53 14.14
N SER A 254 -5.06 -19.36 13.60
CA SER A 254 -5.60 -18.11 14.11
C SER A 254 -5.22 -17.92 15.57
N GLY A 255 -3.94 -18.15 15.87
CA GLY A 255 -3.44 -18.00 17.22
C GLY A 255 -1.93 -18.11 17.28
N THR A 256 -1.32 -17.27 18.11
CA THR A 256 0.13 -17.24 18.25
C THR A 256 0.52 -16.94 19.68
N ALA A 257 1.82 -17.01 19.96
CA ALA A 257 2.32 -16.69 21.29
C ALA A 257 2.74 -15.21 21.40
N LEU A 258 2.58 -14.45 20.32
CA LEU A 258 3.09 -13.08 20.28
C LEU A 258 2.02 -12.00 20.36
N SER A 259 0.75 -12.39 20.34
CA SER A 259 -0.34 -11.41 20.41
C SER A 259 -0.47 -10.84 21.82
N SER A 260 -1.16 -9.71 21.92
CA SER A 260 -1.34 -9.01 23.18
C SER A 260 -2.00 -9.87 24.25
N TRP A 261 -2.84 -10.81 23.82
CA TRP A 261 -3.61 -11.63 24.76
C TRP A 261 -3.15 -13.09 24.75
N ALA A 262 -1.91 -13.31 24.36
CA ALA A 262 -1.36 -14.67 24.29
C ALA A 262 -0.89 -15.12 25.67
N VAL A 263 -0.36 -14.20 26.44
CA VAL A 263 0.20 -14.52 27.74
C VAL A 263 -0.15 -13.41 28.74
N SER A 264 -0.27 -13.80 30.00
CA SER A 264 -0.58 -12.87 31.08
C SER A 264 0.69 -12.23 31.63
N PHE A 265 0.74 -10.91 31.61
CA PHE A 265 1.94 -10.19 32.05
C PHE A 265 1.80 -9.59 33.46
N GLN A 266 0.56 -9.52 33.95
CA GLN A 266 0.31 -9.04 35.31
C GLN A 266 -0.42 -10.09 36.14
N PRO A 267 0.17 -11.29 36.26
CA PRO A 267 -0.55 -12.38 36.92
C PRO A 267 -0.75 -12.14 38.42
N ALA A 268 0.24 -11.56 39.08
CA ALA A 268 0.18 -11.34 40.52
C ALA A 268 -0.94 -10.37 40.87
N LYS A 269 -1.16 -9.40 40.00
CA LYS A 269 -2.22 -8.42 40.19
C LYS A 269 -3.57 -9.12 40.35
N TYR A 270 -3.86 -10.01 39.41
CA TYR A 270 -5.16 -10.64 39.33
C TYR A 270 -5.30 -11.79 40.31
N ALA A 271 -4.17 -12.36 40.72
CA ALA A 271 -4.17 -13.36 41.78
C ALA A 271 -4.57 -12.69 43.09
N ARG A 272 -4.03 -11.50 43.33
CA ARG A 272 -4.41 -10.71 44.50
C ARG A 272 -5.88 -10.38 44.49
N MET A 273 -6.36 -9.95 43.33
CA MET A 273 -7.75 -9.57 43.15
C MET A 273 -8.70 -10.70 43.52
N LEU A 274 -8.43 -11.88 42.99
CA LEU A 274 -9.26 -13.03 43.26
C LEU A 274 -9.25 -13.36 44.75
N ALA A 275 -8.04 -13.49 45.30
CA ALA A 275 -7.87 -13.79 46.71
C ALA A 275 -8.64 -12.81 47.59
N THR A 276 -8.62 -11.54 47.21
CA THR A 276 -9.37 -10.52 47.93
C THR A 276 -10.86 -10.79 47.82
N LYS A 277 -11.34 -10.99 46.60
CA LYS A 277 -12.77 -11.18 46.34
C LYS A 277 -13.37 -12.36 47.08
N VAL A 278 -12.56 -13.39 47.34
CA VAL A 278 -13.04 -14.57 48.06
C VAL A 278 -12.63 -14.53 49.54
N GLY A 279 -12.02 -13.42 49.97
CA GLY A 279 -11.73 -13.21 51.37
C GLY A 279 -10.42 -13.78 51.89
N CYS A 280 -9.41 -13.83 51.05
CA CYS A 280 -8.11 -14.38 51.44
C CYS A 280 -7.07 -13.28 51.61
N ASN A 281 -6.24 -13.41 52.64
CA ASN A 281 -5.14 -12.48 52.87
C ASN A 281 -4.18 -12.56 51.70
N VAL A 282 -3.66 -11.40 51.30
CA VAL A 282 -2.84 -11.33 50.09
C VAL A 282 -1.43 -10.81 50.40
N SER A 283 -1.08 -10.72 51.67
CA SER A 283 0.23 -10.21 52.05
C SER A 283 1.30 -11.24 51.73
N ASP A 284 1.15 -12.45 52.27
CA ASP A 284 2.08 -13.55 51.99
C ASP A 284 1.53 -14.40 50.86
N THR A 285 2.37 -14.72 49.88
CA THR A 285 1.92 -15.46 48.70
C THR A 285 1.60 -16.93 49.01
N VAL A 286 2.35 -17.53 49.93
CA VAL A 286 2.10 -18.93 50.29
C VAL A 286 0.79 -19.04 51.06
N GLU A 287 0.49 -18.02 51.86
CA GLU A 287 -0.76 -17.98 52.61
C GLU A 287 -1.93 -17.75 51.66
N LEU A 288 -1.71 -16.90 50.66
CA LEU A 288 -2.72 -16.61 49.65
C LEU A 288 -3.12 -17.88 48.93
N VAL A 289 -2.12 -18.62 48.42
CA VAL A 289 -2.39 -19.83 47.66
C VAL A 289 -3.11 -20.85 48.54
N GLU A 290 -2.57 -21.10 49.73
CA GLU A 290 -3.16 -22.09 50.63
C GLU A 290 -4.61 -21.77 50.94
N CYS A 291 -4.95 -20.48 50.98
CA CYS A 291 -6.33 -20.06 51.25
C CYS A 291 -7.22 -20.40 50.06
N LEU A 292 -6.76 -20.09 48.85
CA LEU A 292 -7.52 -20.38 47.64
C LEU A 292 -7.78 -21.86 47.51
N GLN A 293 -6.86 -22.66 48.05
CA GLN A 293 -6.95 -24.11 47.96
C GLN A 293 -8.00 -24.69 48.89
N LYS A 294 -8.47 -23.88 49.85
CA LYS A 294 -9.48 -24.34 50.80
C LYS A 294 -10.87 -23.96 50.33
N LYS A 295 -10.95 -23.34 49.15
CA LYS A 295 -12.22 -22.85 48.64
C LYS A 295 -12.67 -23.67 47.44
N PRO A 296 -14.00 -23.75 47.24
CA PRO A 296 -14.52 -24.50 46.08
C PRO A 296 -14.04 -23.91 44.76
N TYR A 297 -13.92 -24.74 43.73
CA TYR A 297 -13.50 -24.26 42.43
C TYR A 297 -14.58 -23.36 41.83
N LYS A 298 -15.83 -23.66 42.17
CA LYS A 298 -16.96 -22.87 41.72
C LYS A 298 -16.82 -21.41 42.13
N GLU A 299 -16.43 -21.19 43.39
CA GLU A 299 -16.32 -19.84 43.93
C GLU A 299 -15.21 -19.04 43.27
N LEU A 300 -14.10 -19.72 42.97
CA LEU A 300 -12.97 -19.06 42.34
C LEU A 300 -13.28 -18.73 40.89
N VAL A 301 -13.92 -19.67 40.20
CA VAL A 301 -14.29 -19.52 38.81
C VAL A 301 -15.30 -18.38 38.63
N ASP A 302 -16.23 -18.27 39.57
CA ASP A 302 -17.37 -17.36 39.42
C ASP A 302 -17.08 -15.90 39.78
N GLN A 303 -15.86 -15.60 40.20
CA GLN A 303 -15.51 -14.22 40.51
C GLN A 303 -15.33 -13.42 39.23
N ASP A 304 -15.72 -12.15 39.27
CA ASP A 304 -15.61 -11.28 38.11
C ASP A 304 -14.22 -10.66 38.07
N ILE A 305 -13.40 -11.15 37.15
CA ILE A 305 -12.04 -10.65 37.01
C ILE A 305 -11.80 -10.29 35.55
N GLN A 306 -11.79 -8.99 35.25
CA GLN A 306 -11.59 -8.51 33.89
C GLN A 306 -10.30 -7.71 33.75
N PRO A 307 -9.47 -8.04 32.74
CA PRO A 307 -8.23 -7.30 32.50
C PRO A 307 -8.46 -6.14 31.52
N ALA A 308 -7.37 -5.60 30.96
CA ALA A 308 -7.48 -4.61 29.90
C ALA A 308 -8.22 -5.23 28.72
N ARG A 309 -8.69 -4.40 27.80
CA ARG A 309 -9.60 -4.85 26.75
C ARG A 309 -8.99 -5.92 25.84
N TYR A 310 -7.72 -5.75 25.50
CA TYR A 310 -7.04 -6.68 24.60
C TYR A 310 -5.98 -7.49 25.33
N HIS A 311 -6.19 -7.68 26.63
CA HIS A 311 -5.26 -8.48 27.44
C HIS A 311 -6.04 -9.52 28.24
N ILE A 312 -5.31 -10.40 28.91
CA ILE A 312 -5.91 -11.45 29.71
C ILE A 312 -5.46 -11.31 31.16
N ALA A 313 -6.24 -11.87 32.08
CA ALA A 313 -5.88 -11.88 33.47
C ALA A 313 -5.21 -13.21 33.83
N PHE A 314 -5.82 -14.31 33.38
CA PHE A 314 -5.32 -15.64 33.70
C PHE A 314 -4.96 -16.41 32.43
N GLY A 315 -3.66 -16.68 32.27
CA GLY A 315 -3.18 -17.44 31.13
C GLY A 315 -1.71 -17.77 31.29
N PRO A 316 -1.08 -18.28 30.22
CA PRO A 316 0.35 -18.59 30.20
C PRO A 316 1.20 -17.45 30.74
N VAL A 317 2.16 -17.76 31.61
CA VAL A 317 2.99 -16.73 32.21
C VAL A 317 4.47 -17.02 31.99
N ILE A 318 5.27 -15.98 32.14
CA ILE A 318 6.70 -16.06 31.94
C ILE A 318 7.31 -16.41 33.30
N ASP A 319 7.47 -17.71 33.53
CA ASP A 319 7.90 -18.22 34.84
C ASP A 319 9.38 -18.54 34.88
N GLY A 320 10.05 -18.49 33.72
CA GLY A 320 11.45 -18.84 33.64
C GLY A 320 11.68 -20.33 33.66
N ASP A 321 10.60 -21.10 33.57
CA ASP A 321 10.68 -22.56 33.60
C ASP A 321 9.96 -23.17 32.40
N VAL A 322 8.63 -23.26 32.47
CA VAL A 322 7.86 -23.78 31.35
C VAL A 322 8.02 -22.85 30.17
N ILE A 323 7.89 -21.55 30.44
CA ILE A 323 8.13 -20.52 29.44
C ILE A 323 9.34 -19.71 29.92
N PRO A 324 10.53 -20.00 29.38
CA PRO A 324 11.77 -19.46 29.97
C PRO A 324 11.95 -17.96 29.78
N ASP A 325 11.24 -17.37 28.82
CA ASP A 325 11.35 -15.95 28.57
C ASP A 325 10.22 -15.47 27.68
N ASP A 326 10.15 -14.15 27.46
CA ASP A 326 9.19 -13.57 26.55
C ASP A 326 9.23 -14.33 25.22
N PRO A 327 8.08 -14.82 24.75
CA PRO A 327 8.04 -15.53 23.45
C PRO A 327 8.66 -14.73 22.31
N GLN A 328 8.51 -13.41 22.32
CA GLN A 328 9.10 -12.55 21.29
C GLN A 328 10.62 -12.72 21.28
N ILE A 329 11.24 -12.60 22.44
CA ILE A 329 12.68 -12.75 22.56
C ILE A 329 13.12 -14.15 22.15
N LEU A 330 12.41 -15.16 22.66
CA LEU A 330 12.74 -16.54 22.35
C LEU A 330 12.75 -16.78 20.85
N MET A 331 11.69 -16.34 20.17
CA MET A 331 11.60 -16.51 18.73
C MET A 331 12.77 -15.83 18.02
N GLU A 332 13.07 -14.60 18.42
CA GLU A 332 14.14 -13.82 17.79
C GLU A 332 15.48 -14.50 17.96
N GLN A 333 15.67 -15.14 19.11
CA GLN A 333 16.90 -15.86 19.39
C GLN A 333 16.81 -17.29 18.89
N GLY A 334 15.70 -17.60 18.20
CA GLY A 334 15.51 -18.92 17.63
C GLY A 334 15.52 -20.03 18.66
N GLU A 335 14.99 -19.73 19.85
CA GLU A 335 15.01 -20.69 20.95
C GLU A 335 13.84 -21.66 20.87
N PHE A 336 13.90 -22.56 19.90
CA PHE A 336 12.85 -23.56 19.72
C PHE A 336 13.33 -24.69 18.82
N LEU A 337 12.91 -25.91 19.14
CA LEU A 337 13.26 -27.06 18.32
C LEU A 337 12.68 -26.93 16.93
N ASN A 338 13.32 -27.59 15.97
CA ASN A 338 12.89 -27.53 14.58
C ASN A 338 11.69 -28.44 14.34
N TYR A 339 10.49 -27.88 14.43
CA TYR A 339 9.28 -28.62 14.13
C TYR A 339 8.83 -28.30 12.72
N ASP A 340 8.07 -29.22 12.12
CA ASP A 340 7.32 -28.90 10.92
C ASP A 340 6.15 -28.03 11.32
N ILE A 341 6.14 -26.78 10.86
CA ILE A 341 5.16 -25.80 11.32
C ILE A 341 4.17 -25.49 10.20
N MET A 342 2.96 -25.14 10.60
CA MET A 342 1.95 -24.70 9.65
C MET A 342 0.98 -23.77 10.38
N LEU A 343 0.90 -22.52 9.95
CA LEU A 343 0.05 -21.54 10.62
C LEU A 343 -0.62 -20.64 9.60
N GLY A 344 -1.75 -20.05 9.99
CA GLY A 344 -2.48 -19.16 9.10
C GLY A 344 -3.59 -18.40 9.78
N VAL A 345 -4.32 -17.58 9.01
CA VAL A 345 -5.42 -16.79 9.54
C VAL A 345 -6.62 -16.86 8.61
N ASN A 346 -7.74 -16.28 9.05
CA ASN A 346 -8.94 -16.18 8.22
C ASN A 346 -9.13 -14.76 7.71
N GLN A 347 -9.89 -14.61 6.63
CA GLN A 347 -10.08 -13.32 5.98
C GLN A 347 -10.45 -12.22 6.97
N GLY A 348 -11.53 -12.43 7.71
CA GLY A 348 -12.04 -11.41 8.61
C GLY A 348 -12.19 -11.87 10.05
N GLU A 349 -11.06 -12.14 10.69
CA GLU A 349 -11.03 -12.56 12.09
C GLU A 349 -11.81 -11.63 13.01
N GLY A 350 -11.65 -10.33 12.81
CA GLY A 350 -12.15 -9.32 13.75
C GLY A 350 -13.63 -8.98 13.64
N LEU A 351 -14.43 -9.93 13.18
CA LEU A 351 -15.87 -9.72 13.08
C LEU A 351 -16.43 -9.11 14.37
N LYS A 352 -16.29 -9.81 15.47
CA LYS A 352 -16.91 -9.40 16.73
C LYS A 352 -16.39 -8.06 17.24
N PHE A 353 -15.27 -7.60 16.69
CA PHE A 353 -14.77 -6.26 16.98
C PHE A 353 -15.66 -5.20 16.34
N VAL A 354 -16.28 -5.57 15.21
CA VAL A 354 -16.99 -4.62 14.37
C VAL A 354 -18.51 -4.79 14.46
N GLU A 355 -18.94 -5.99 14.83
CA GLU A 355 -20.35 -6.37 14.72
C GLU A 355 -21.31 -5.41 15.43
N ASN A 356 -20.94 -4.95 16.61
CA ASN A 356 -21.81 -4.08 17.39
C ASN A 356 -21.95 -2.68 16.77
N ILE A 357 -20.99 -2.29 15.94
CA ILE A 357 -20.95 -0.93 15.40
C ILE A 357 -21.87 -0.73 14.18
N VAL A 358 -21.97 -1.75 13.33
CA VAL A 358 -22.73 -1.62 12.08
C VAL A 358 -24.20 -1.30 12.35
N ASP A 359 -24.78 -0.46 11.50
CA ASP A 359 -26.18 -0.06 11.64
C ASP A 359 -27.10 -0.96 10.79
N SER A 360 -28.35 -0.56 10.65
CA SER A 360 -29.34 -1.35 9.92
C SER A 360 -28.86 -1.65 8.51
N ASP A 361 -28.34 -0.64 7.82
CA ASP A 361 -27.59 -0.87 6.59
C ASP A 361 -26.20 -1.37 6.99
N ASP A 362 -25.59 -2.15 6.11
CA ASP A 362 -24.36 -2.85 6.46
C ASP A 362 -23.12 -1.96 6.37
N GLY A 363 -23.10 -0.90 7.17
CA GLY A 363 -21.97 0.04 7.15
C GLY A 363 -21.79 0.80 8.44
N ILE A 364 -20.60 1.37 8.61
CA ILE A 364 -20.29 2.16 9.80
C ILE A 364 -19.90 3.57 9.38
N SER A 365 -20.42 4.56 10.10
CA SER A 365 -20.19 5.96 9.76
C SER A 365 -18.74 6.35 10.00
N ALA A 366 -18.30 7.42 9.36
CA ALA A 366 -16.95 7.93 9.57
C ALA A 366 -16.76 8.33 11.03
N SER A 367 -17.85 8.74 11.66
CA SER A 367 -17.84 9.09 13.07
C SER A 367 -17.40 7.91 13.92
N ASP A 368 -18.23 6.86 13.93
CA ASP A 368 -17.94 5.65 14.70
C ASP A 368 -16.55 5.11 14.38
N PHE A 369 -16.16 5.21 13.11
CA PHE A 369 -14.83 4.76 12.68
C PHE A 369 -13.74 5.42 13.51
N ASP A 370 -13.79 6.74 13.61
CA ASP A 370 -12.77 7.50 14.33
C ASP A 370 -12.69 7.08 15.79
N PHE A 371 -13.86 6.94 16.43
CA PHE A 371 -13.93 6.52 17.82
C PHE A 371 -13.26 5.15 17.99
N ALA A 372 -13.65 4.20 17.15
CA ALA A 372 -13.15 2.83 17.26
C ALA A 372 -11.63 2.79 17.08
N VAL A 373 -11.12 3.55 16.13
CA VAL A 373 -9.69 3.54 15.83
C VAL A 373 -8.92 4.23 16.94
N SER A 374 -9.51 5.30 17.48
CA SER A 374 -8.84 6.09 18.51
C SER A 374 -8.75 5.33 19.82
N ASN A 375 -9.85 4.67 20.19
CA ASN A 375 -9.90 3.88 21.42
C ASN A 375 -8.94 2.69 21.30
N PHE A 376 -8.87 2.12 20.09
CA PHE A 376 -7.92 1.06 19.80
C PHE A 376 -6.50 1.51 20.10
N VAL A 377 -6.16 2.73 19.68
CA VAL A 377 -4.83 3.28 19.89
C VAL A 377 -4.56 3.45 21.38
N ASP A 378 -5.58 3.90 22.12
CA ASP A 378 -5.43 4.17 23.54
C ASP A 378 -5.17 2.89 24.32
N ASN A 379 -5.96 1.86 24.06
CA ASN A 379 -5.86 0.60 24.79
C ASN A 379 -4.53 -0.12 24.53
N LEU A 380 -4.10 -0.12 23.27
CA LEU A 380 -2.90 -0.86 22.87
C LEU A 380 -1.65 0.01 22.84
N TYR A 381 -1.84 1.32 22.80
CA TYR A 381 -0.71 2.24 22.71
C TYR A 381 -0.96 3.51 23.53
N GLY A 382 -0.82 3.41 24.84
CA GLY A 382 -0.95 4.55 25.71
C GLY A 382 0.03 5.64 25.35
N TYR A 383 -0.44 6.89 25.34
CA TYR A 383 0.39 8.02 24.94
C TYR A 383 1.60 8.17 25.86
N PRO A 384 2.80 8.34 25.29
CA PRO A 384 3.98 8.51 26.13
C PRO A 384 4.25 9.97 26.50
N GLY A 386 2.48 11.10 22.03
CA GLY A 386 2.89 10.51 20.76
C GLY A 386 1.79 9.73 20.07
N LYS A 387 0.64 9.62 20.73
CA LYS A 387 -0.48 8.87 20.21
C LYS A 387 -1.10 9.56 18.98
N ASP A 388 -1.09 10.89 18.99
CA ASP A 388 -1.67 11.68 17.91
C ASP A 388 -1.16 11.24 16.54
N VAL A 389 0.16 11.16 16.41
CA VAL A 389 0.80 10.75 15.17
C VAL A 389 0.28 9.38 14.75
N LEU A 390 0.19 8.49 15.73
CA LEU A 390 -0.12 7.09 15.46
C LEU A 390 -1.55 6.92 14.98
N ARG A 391 -2.47 7.64 15.61
CA ARG A 391 -3.88 7.57 15.25
C ARG A 391 -4.11 7.98 13.79
N GLU A 392 -3.28 8.90 13.30
CA GLU A 392 -3.43 9.41 11.94
C GLU A 392 -2.80 8.45 10.92
N THR A 393 -1.66 7.88 11.26
CA THR A 393 -1.00 6.93 10.38
C THR A 393 -1.88 5.71 10.14
N ILE A 394 -2.52 5.22 11.20
CA ILE A 394 -3.36 4.04 11.11
C ILE A 394 -4.66 4.38 10.39
N LYS A 395 -5.26 5.50 10.78
CA LYS A 395 -6.51 5.94 10.18
C LYS A 395 -6.34 6.07 8.67
N PHE A 396 -5.16 6.49 8.25
CA PHE A 396 -4.85 6.63 6.84
C PHE A 396 -4.67 5.27 6.18
N MET A 397 -3.87 4.42 6.82
CA MET A 397 -3.52 3.12 6.26
C MET A 397 -4.74 2.22 6.06
N TYR A 398 -5.72 2.37 6.94
CA TYR A 398 -6.90 1.51 6.91
C TYR A 398 -8.13 2.25 6.38
N THR A 399 -7.91 3.02 5.32
CA THR A 399 -9.00 3.56 4.52
C THR A 399 -8.73 3.30 3.05
N ASP A 400 -9.76 2.85 2.33
CA ASP A 400 -9.64 2.60 0.89
C ASP A 400 -10.04 3.86 0.13
N TRP A 401 -9.05 4.64 -0.27
CA TRP A 401 -9.30 5.92 -0.93
C TRP A 401 -10.04 5.76 -2.25
N ALA A 402 -10.13 4.52 -2.75
CA ALA A 402 -10.92 4.23 -3.93
C ALA A 402 -12.35 4.75 -3.78
N ASP A 403 -12.95 4.50 -2.62
CA ASP A 403 -14.24 5.07 -2.27
C ASP A 403 -14.28 5.44 -0.79
N ARG A 404 -13.62 6.54 -0.45
CA ARG A 404 -13.39 6.91 0.95
C ARG A 404 -14.65 7.26 1.72
N HIS A 405 -15.79 7.32 1.04
CA HIS A 405 -17.05 7.70 1.69
C HIS A 405 -18.02 6.52 1.79
N ASN A 406 -17.67 5.41 1.15
CA ASN A 406 -18.49 4.21 1.21
C ASN A 406 -18.56 3.69 2.65
N PRO A 407 -19.77 3.59 3.22
CA PRO A 407 -19.87 3.08 4.59
C PRO A 407 -19.67 1.57 4.69
N GLU A 408 -19.96 0.86 3.62
CA GLU A 408 -19.76 -0.59 3.57
C GLU A 408 -18.27 -0.93 3.50
N THR A 409 -17.48 -0.03 2.92
CA THR A 409 -16.05 -0.25 2.79
C THR A 409 -15.32 0.16 4.06
N ARG A 410 -15.92 1.08 4.83
CA ARG A 410 -15.31 1.53 6.07
C ARG A 410 -15.27 0.42 7.12
N ARG A 411 -16.29 -0.43 7.15
CA ARG A 411 -16.31 -1.54 8.10
C ARG A 411 -15.31 -2.61 7.69
N LYS A 412 -15.25 -2.92 6.40
CA LYS A 412 -14.39 -3.98 5.89
C LYS A 412 -12.93 -3.70 6.22
N THR A 413 -12.57 -2.42 6.21
CA THR A 413 -11.20 -2.01 6.44
C THR A 413 -10.94 -1.84 7.93
N LEU A 414 -11.97 -1.44 8.67
CA LEU A 414 -11.87 -1.32 10.12
C LEU A 414 -11.75 -2.72 10.72
N LEU A 415 -12.54 -3.64 10.17
CA LEU A 415 -12.46 -5.05 10.56
C LEU A 415 -11.05 -5.58 10.27
N ALA A 416 -10.46 -5.09 9.18
CA ALA A 416 -9.14 -5.54 8.76
C ALA A 416 -8.07 -5.07 9.74
N LEU A 417 -8.31 -3.91 10.34
CA LEU A 417 -7.37 -3.34 11.31
C LEU A 417 -7.15 -4.30 12.47
N PHE A 418 -8.24 -4.69 13.12
CA PHE A 418 -8.19 -5.63 14.22
C PHE A 418 -7.55 -6.94 13.75
N THR A 419 -8.09 -7.50 12.67
CA THR A 419 -7.59 -8.74 12.10
C THR A 419 -6.09 -8.71 11.89
N ASP A 420 -5.61 -7.67 11.22
CA ASP A 420 -4.20 -7.57 10.86
C ASP A 420 -3.31 -7.53 12.10
N HIS A 421 -3.69 -6.69 13.06
CA HIS A 421 -2.87 -6.44 14.24
C HIS A 421 -2.86 -7.61 15.22
N GLN A 422 -4.03 -8.19 15.46
CA GLN A 422 -4.20 -9.22 16.48
C GLN A 422 -3.85 -10.62 15.99
N TRP A 423 -4.03 -10.88 14.70
CA TRP A 423 -3.85 -12.22 14.15
C TRP A 423 -2.78 -12.30 13.05
N VAL A 424 -2.91 -11.44 12.03
CA VAL A 424 -2.09 -11.59 10.82
C VAL A 424 -0.62 -11.27 11.08
N ALA A 425 -0.34 -10.08 11.61
CA ALA A 425 1.04 -9.66 11.81
C ALA A 425 1.76 -10.62 12.77
N PRO A 426 1.12 -10.98 13.89
CA PRO A 426 1.75 -11.99 14.75
C PRO A 426 2.02 -13.30 14.03
N ALA A 427 1.10 -13.72 13.17
CA ALA A 427 1.28 -14.96 12.41
C ALA A 427 2.46 -14.89 11.46
N VAL A 428 2.55 -13.79 10.70
CA VAL A 428 3.62 -13.61 9.73
C VAL A 428 4.97 -13.57 10.44
N ALA A 429 5.04 -12.80 11.52
CA ALA A 429 6.26 -12.71 12.31
C ALA A 429 6.69 -14.10 12.75
N THR A 430 5.74 -14.87 13.28
CA THR A 430 6.01 -16.24 13.69
C THR A 430 6.47 -17.08 12.51
N ALA A 431 5.74 -16.98 11.40
CA ALA A 431 6.06 -17.74 10.20
C ALA A 431 7.47 -17.39 9.71
N ASP A 432 7.80 -16.11 9.74
CA ASP A 432 9.10 -15.65 9.27
C ASP A 432 10.23 -16.24 10.11
N LEU A 433 10.14 -16.07 11.43
CA LEU A 433 11.22 -16.48 12.33
C LEU A 433 11.42 -17.98 12.37
N HIS A 434 10.35 -18.75 12.15
CA HIS A 434 10.48 -20.20 12.12
C HIS A 434 11.24 -20.66 10.89
N SER A 435 10.81 -20.21 9.72
CA SER A 435 11.47 -20.56 8.47
C SER A 435 12.90 -20.01 8.48
N ASN A 436 13.07 -18.85 9.09
CA ASN A 436 14.37 -18.21 9.19
C ASN A 436 15.38 -19.10 9.90
N PHE A 437 14.93 -19.76 10.98
CA PHE A 437 15.84 -20.56 11.79
C PHE A 437 15.85 -22.02 11.36
N GLY A 438 15.13 -22.34 10.29
CA GLY A 438 15.28 -23.64 9.65
C GLY A 438 14.11 -24.60 9.74
N SER A 439 13.02 -24.18 10.38
CA SER A 439 11.85 -25.03 10.51
C SER A 439 11.05 -25.04 9.20
N PRO A 440 10.77 -26.23 8.65
CA PRO A 440 9.86 -26.28 7.50
C PRO A 440 8.51 -25.63 7.80
N THR A 441 8.30 -24.42 7.29
CA THR A 441 7.11 -23.65 7.62
C THR A 441 6.14 -23.67 6.44
N TYR A 442 4.85 -23.61 6.77
CA TYR A 442 3.81 -23.49 5.76
C TYR A 442 2.78 -22.48 6.22
N PHE A 443 2.31 -21.64 5.31
CA PHE A 443 1.38 -20.58 5.65
C PHE A 443 0.14 -20.64 4.77
N TYR A 444 -0.99 -20.21 5.32
CA TYR A 444 -2.24 -20.20 4.58
C TYR A 444 -3.10 -19.01 4.96
N ALA A 445 -4.09 -18.74 4.12
CA ALA A 445 -5.11 -17.75 4.41
C ALA A 445 -6.48 -18.33 4.08
N PHE A 446 -7.33 -18.44 5.09
CA PHE A 446 -8.62 -19.11 4.92
C PHE A 446 -9.70 -18.09 4.53
N TYR A 447 -10.19 -18.20 3.30
CA TYR A 447 -11.08 -17.20 2.74
C TYR A 447 -12.42 -17.78 2.32
N HIS A 448 -12.94 -18.71 3.10
CA HIS A 448 -14.27 -19.24 2.88
C HIS A 448 -14.93 -19.57 4.22
N HIS A 449 -16.24 -19.71 4.21
CA HIS A 449 -16.96 -20.12 5.39
C HIS A 449 -18.41 -20.46 5.03
N CYS A 450 -19.18 -20.86 6.03
CA CYS A 450 -20.58 -21.21 5.83
C CYS A 450 -21.47 -20.30 6.65
N GLN A 451 -22.19 -19.41 5.97
CA GLN A 451 -22.98 -18.39 6.65
C GLN A 451 -24.15 -19.02 7.41
N THR A 452 -24.19 -18.75 8.71
CA THR A 452 -25.29 -19.19 9.55
C THR A 452 -26.35 -18.08 9.59
N ASP A 453 -27.55 -18.40 10.06
CA ASP A 453 -28.59 -17.40 10.24
C ASP A 453 -28.27 -16.46 11.40
N GLN A 454 -27.22 -16.77 12.15
CA GLN A 454 -26.78 -15.95 13.27
C GLN A 454 -25.74 -14.90 12.86
N VAL A 455 -25.04 -15.16 11.76
CA VAL A 455 -24.02 -14.22 11.28
C VAL A 455 -24.61 -13.31 10.20
N PRO A 456 -24.08 -12.09 10.08
CA PRO A 456 -24.49 -11.21 8.98
C PRO A 456 -24.18 -11.81 7.61
N ALA A 457 -24.95 -11.43 6.59
CA ALA A 457 -24.77 -11.95 5.24
C ALA A 457 -23.53 -11.37 4.57
N TRP A 458 -23.02 -10.27 5.12
CA TRP A 458 -21.88 -9.58 4.53
C TRP A 458 -20.54 -10.02 5.14
N ALA A 459 -20.61 -10.84 6.19
CA ALA A 459 -19.41 -11.23 6.91
C ALA A 459 -18.65 -12.34 6.20
N ASP A 460 -17.33 -12.22 6.17
CA ASP A 460 -16.46 -13.24 5.57
C ASP A 460 -15.98 -14.23 6.63
N ALA A 461 -14.96 -15.01 6.30
CA ALA A 461 -14.41 -16.00 7.22
C ALA A 461 -13.95 -15.34 8.53
N ALA A 462 -14.69 -15.60 9.60
CA ALA A 462 -14.40 -15.01 10.90
C ALA A 462 -13.56 -15.95 11.76
N HIS A 463 -13.29 -15.52 13.00
CA HIS A 463 -12.48 -16.32 13.91
C HIS A 463 -13.15 -17.66 14.20
N GLY A 464 -12.40 -18.73 13.97
CA GLY A 464 -12.88 -20.07 14.24
C GLY A 464 -13.72 -20.71 13.16
N ASP A 465 -13.93 -19.99 12.06
CA ASP A 465 -14.78 -20.48 10.98
C ASP A 465 -14.08 -21.59 10.19
N GLU A 466 -12.77 -21.72 10.38
CA GLU A 466 -12.00 -22.73 9.67
C GLU A 466 -12.04 -24.08 10.41
N VAL A 467 -12.52 -24.05 11.65
CA VAL A 467 -12.58 -25.25 12.48
C VAL A 467 -13.46 -26.34 11.84
N PRO A 468 -14.71 -26.01 11.47
CA PRO A 468 -15.59 -27.08 10.97
C PRO A 468 -15.09 -27.74 9.68
N TYR A 469 -14.26 -27.03 8.92
CA TYR A 469 -13.70 -27.57 7.70
C TYR A 469 -12.54 -28.52 7.99
N VAL A 470 -11.77 -28.21 9.02
CA VAL A 470 -10.64 -29.06 9.41
C VAL A 470 -11.15 -30.37 10.02
N LEU A 471 -12.28 -30.31 10.71
CA LEU A 471 -12.83 -31.48 11.38
C LEU A 471 -13.70 -32.31 10.44
N GLY A 472 -14.05 -31.75 9.28
CA GLY A 472 -14.81 -32.48 8.30
C GLY A 472 -16.30 -32.51 8.56
N ILE A 473 -16.80 -31.49 9.25
CA ILE A 473 -18.22 -31.46 9.61
C ILE A 473 -19.12 -31.46 8.38
N PRO A 474 -18.75 -30.71 7.32
CA PRO A 474 -19.60 -30.72 6.13
C PRO A 474 -19.86 -32.12 5.57
N MET A 475 -18.95 -33.06 5.84
CA MET A 475 -19.11 -34.44 5.38
C MET A 475 -20.34 -35.06 6.02
N ILE A 476 -20.54 -34.77 7.30
CA ILE A 476 -21.65 -35.31 8.06
C ILE A 476 -22.89 -34.45 7.86
N GLY A 477 -22.68 -33.19 7.51
CA GLY A 477 -23.77 -32.23 7.40
C GLY A 477 -23.92 -31.42 8.67
N PRO A 478 -24.91 -30.53 8.70
CA PRO A 478 -25.14 -29.66 9.87
C PRO A 478 -25.29 -30.43 11.17
N THR A 479 -24.62 -29.96 12.22
CA THR A 479 -24.71 -30.56 13.53
C THR A 479 -25.23 -29.53 14.53
N GLU A 480 -25.59 -29.97 15.72
CA GLU A 480 -26.12 -29.08 16.75
C GLU A 480 -25.14 -27.95 17.04
N LEU A 481 -23.85 -28.24 16.94
CA LEU A 481 -22.82 -27.24 17.18
C LEU A 481 -22.57 -26.39 15.93
N PHE A 482 -22.53 -27.05 14.78
CA PHE A 482 -22.32 -26.38 13.50
C PHE A 482 -23.56 -26.55 12.62
N PRO A 483 -24.60 -25.73 12.86
CA PRO A 483 -25.89 -25.90 12.20
C PRO A 483 -25.99 -25.29 10.81
N CYS A 484 -24.89 -24.80 10.25
CA CYS A 484 -24.94 -24.17 8.94
C CYS A 484 -25.35 -25.16 7.87
N ASN A 485 -26.03 -24.66 6.83
CA ASN A 485 -26.38 -25.48 5.68
C ASN A 485 -25.17 -25.63 4.77
N PHE A 486 -24.33 -26.62 5.07
CA PHE A 486 -23.12 -26.85 4.28
C PHE A 486 -23.48 -27.31 2.88
N SER A 487 -22.89 -26.64 1.89
CA SER A 487 -23.16 -26.97 0.51
C SER A 487 -22.23 -28.08 0.04
N LYS A 488 -22.20 -28.30 -1.27
CA LYS A 488 -21.34 -29.28 -1.88
C LYS A 488 -19.93 -28.73 -2.03
N ASN A 489 -19.83 -27.42 -2.21
CA ASN A 489 -18.54 -26.74 -2.24
C ASN A 489 -17.86 -26.84 -0.89
N ASP A 490 -18.65 -26.74 0.17
CA ASP A 490 -18.13 -26.84 1.53
C ASP A 490 -17.50 -28.22 1.74
N VAL A 491 -18.18 -29.25 1.27
CA VAL A 491 -17.71 -30.62 1.43
C VAL A 491 -16.37 -30.81 0.72
N MET A 492 -16.28 -30.31 -0.50
CA MET A 492 -15.06 -30.47 -1.29
C MET A 492 -13.91 -29.70 -0.65
N LEU A 493 -14.18 -28.46 -0.24
CA LEU A 493 -13.16 -27.65 0.40
C LEU A 493 -12.67 -28.32 1.67
N SER A 494 -13.59 -28.90 2.42
CA SER A 494 -13.27 -29.61 3.64
C SER A 494 -12.35 -30.80 3.35
N ALA A 495 -12.73 -31.58 2.34
CA ALA A 495 -11.93 -32.74 1.91
C ALA A 495 -10.52 -32.31 1.53
N VAL A 496 -10.41 -31.14 0.91
CA VAL A 496 -9.12 -30.61 0.49
C VAL A 496 -8.31 -30.22 1.72
N VAL A 497 -8.96 -29.54 2.66
CA VAL A 497 -8.29 -29.09 3.88
C VAL A 497 -7.79 -30.29 4.68
N MET A 498 -8.67 -31.25 4.92
CA MET A 498 -8.34 -32.42 5.71
C MET A 498 -7.16 -33.16 5.09
N THR A 499 -7.09 -33.14 3.76
CA THR A 499 -6.01 -33.81 3.05
C THR A 499 -4.68 -33.09 3.29
N TYR A 500 -4.70 -31.77 3.21
CA TYR A 500 -3.51 -30.97 3.51
C TYR A 500 -3.04 -31.21 4.94
N TRP A 501 -3.96 -31.09 5.88
CA TRP A 501 -3.66 -31.30 7.29
C TRP A 501 -3.06 -32.68 7.52
N THR A 502 -3.76 -33.70 7.05
CA THR A 502 -3.38 -35.09 7.33
C THR A 502 -2.14 -35.50 6.54
N ASN A 503 -1.96 -34.97 5.33
CA ASN A 503 -0.73 -35.18 4.59
C ASN A 503 0.43 -34.62 5.40
N PHE A 504 0.21 -33.42 5.93
CA PHE A 504 1.20 -32.75 6.77
C PHE A 504 1.50 -33.62 8.00
N ALA A 505 0.46 -34.20 8.58
CA ALA A 505 0.60 -35.07 9.74
C ALA A 505 1.40 -36.32 9.40
N LYS A 506 1.19 -36.85 8.20
CA LYS A 506 1.82 -38.11 7.79
C LYS A 506 3.31 -37.96 7.44
N THR A 507 3.66 -36.85 6.80
CA THR A 507 4.98 -36.71 6.20
C THR A 507 5.66 -35.38 6.47
N GLY A 508 4.97 -34.49 7.19
CA GLY A 508 5.49 -33.15 7.40
C GLY A 508 5.43 -32.30 6.15
N ASP A 509 4.66 -32.75 5.17
CA ASP A 509 4.51 -32.05 3.90
C ASP A 509 3.05 -32.11 3.48
N PRO A 510 2.36 -30.96 3.41
CA PRO A 510 0.92 -31.01 3.11
C PRO A 510 0.61 -31.50 1.70
N ASN A 511 1.64 -31.80 0.93
CA ASN A 511 1.46 -32.28 -0.43
C ASN A 511 1.69 -33.79 -0.55
N GLN A 512 2.39 -34.36 0.41
CA GLN A 512 2.77 -35.78 0.35
C GLN A 512 2.01 -36.64 1.37
N PRO A 513 1.26 -37.65 0.89
CA PRO A 513 0.58 -38.54 1.84
C PRO A 513 1.47 -39.68 2.31
N VAL A 531 -3.25 -28.47 -6.75
CA VAL A 531 -2.66 -27.25 -6.19
C VAL A 531 -1.59 -27.62 -5.18
N ALA A 532 -0.34 -27.38 -5.55
CA ALA A 532 0.79 -27.70 -4.67
C ALA A 532 1.05 -26.57 -3.68
N TRP A 533 0.94 -26.89 -2.40
CA TRP A 533 1.19 -25.93 -1.33
C TRP A 533 2.69 -25.79 -1.09
N THR A 534 3.21 -24.62 -1.44
CA THR A 534 4.65 -24.40 -1.41
C THR A 534 5.14 -24.02 -0.03
N ARG A 535 6.37 -24.44 0.28
CA ARG A 535 7.00 -24.13 1.56
C ARG A 535 7.17 -22.61 1.72
N TYR A 536 7.03 -22.14 2.95
CA TYR A 536 7.11 -20.72 3.25
C TYR A 536 8.55 -20.29 3.52
N SER A 537 8.85 -19.03 3.21
CA SER A 537 10.15 -18.45 3.51
C SER A 537 10.03 -16.93 3.61
N GLN A 538 10.87 -16.33 4.45
CA GLN A 538 10.77 -14.91 4.75
C GLN A 538 10.94 -14.03 3.52
N LYS A 539 11.75 -14.50 2.57
CA LYS A 539 12.02 -13.73 1.36
C LYS A 539 10.81 -13.72 0.44
N ASP A 540 10.35 -14.91 0.06
CA ASP A 540 9.25 -15.03 -0.89
C ASP A 540 7.89 -14.99 -0.20
N GLN A 541 7.83 -15.53 1.01
CA GLN A 541 6.60 -15.49 1.82
C GLN A 541 5.41 -16.07 1.05
N LEU A 542 5.64 -17.18 0.37
CA LEU A 542 4.57 -17.88 -0.34
C LEU A 542 3.59 -18.51 0.66
N TYR A 543 2.30 -18.46 0.34
CA TYR A 543 1.28 -19.04 1.20
C TYR A 543 0.15 -19.61 0.37
N LEU A 544 -0.67 -20.46 0.99
CA LEU A 544 -1.81 -21.06 0.30
C LEU A 544 -3.09 -20.30 0.61
N HIS A 545 -3.64 -19.65 -0.40
CA HIS A 545 -4.91 -18.94 -0.28
C HIS A 545 -6.06 -19.93 -0.38
N ILE A 546 -6.60 -20.34 0.77
CA ILE A 546 -7.61 -21.38 0.81
C ILE A 546 -9.01 -20.82 0.54
N GLY A 547 -9.58 -21.25 -0.57
CA GLY A 547 -10.96 -20.93 -0.91
C GLY A 547 -11.54 -22.02 -1.80
N LEU A 548 -12.71 -21.78 -2.37
CA LEU A 548 -13.32 -22.73 -3.30
C LEU A 548 -12.43 -22.93 -4.53
N LYS A 549 -11.57 -21.94 -4.79
CA LYS A 549 -10.56 -22.06 -5.83
C LYS A 549 -9.19 -21.82 -5.21
N PRO A 550 -8.66 -22.82 -4.50
CA PRO A 550 -7.42 -22.63 -3.75
C PRO A 550 -6.21 -22.37 -4.66
N ARG A 551 -5.53 -21.26 -4.41
CA ARG A 551 -4.34 -20.89 -5.15
C ARG A 551 -3.21 -20.52 -4.19
N VAL A 552 -1.98 -20.64 -4.67
CA VAL A 552 -0.82 -20.18 -3.90
C VAL A 552 -0.49 -18.75 -4.33
N LYS A 553 -0.48 -17.85 -3.36
CA LYS A 553 -0.13 -16.46 -3.62
C LYS A 553 1.20 -16.13 -2.93
N GLU A 554 1.46 -14.86 -2.69
CA GLU A 554 2.71 -14.44 -2.07
C GLU A 554 2.53 -13.16 -1.24
N HIS A 555 3.33 -13.05 -0.17
CA HIS A 555 3.36 -11.87 0.68
C HIS A 555 1.96 -11.44 1.11
N TYR A 556 1.32 -12.24 1.98
CA TYR A 556 -0.03 -11.95 2.45
C TYR A 556 -0.08 -10.62 3.19
N ARG A 557 -0.83 -9.68 2.63
CA ARG A 557 -1.06 -8.38 3.25
C ARG A 557 0.22 -7.77 3.80
N ALA A 558 1.32 -7.92 3.07
CA ALA A 558 2.62 -7.43 3.53
C ALA A 558 2.59 -5.93 3.76
N ASN A 559 1.79 -5.22 2.96
CA ASN A 559 1.67 -3.78 3.09
C ASN A 559 1.20 -3.41 4.50
N LYS A 560 0.15 -4.08 4.95
CA LYS A 560 -0.43 -3.81 6.26
C LYS A 560 0.36 -4.49 7.38
N VAL A 561 0.98 -5.63 7.07
CA VAL A 561 1.75 -6.37 8.05
C VAL A 561 2.97 -5.58 8.46
N ASN A 562 3.78 -5.19 7.48
CA ASN A 562 5.05 -4.52 7.75
C ASN A 562 4.85 -3.18 8.48
N LEU A 563 3.62 -2.67 8.46
CA LEU A 563 3.29 -1.46 9.21
C LEU A 563 3.49 -1.69 10.70
N TRP A 564 3.01 -2.83 11.19
CA TRP A 564 3.04 -3.13 12.62
C TRP A 564 4.37 -3.73 13.05
N LEU A 565 5.08 -4.34 12.10
CA LEU A 565 6.34 -5.01 12.42
C LEU A 565 7.56 -4.11 12.21
N GLU A 566 7.42 -3.12 11.34
CA GLU A 566 8.57 -2.31 10.93
C GLU A 566 8.39 -0.83 11.25
N LEU A 567 7.20 -0.30 11.02
CA LEU A 567 6.97 1.13 11.17
C LEU A 567 6.64 1.51 12.62
N VAL A 568 5.48 1.05 13.10
CA VAL A 568 4.96 1.46 14.40
C VAL A 568 6.00 1.33 15.52
N PRO A 569 6.77 0.23 15.54
CA PRO A 569 7.84 0.13 16.55
C PRO A 569 8.87 1.27 16.47
N HIS A 570 9.36 1.55 15.25
CA HIS A 570 10.37 2.57 15.06
C HIS A 570 9.87 3.99 15.40
N LEU A 571 8.56 4.14 15.53
CA LEU A 571 7.99 5.44 15.90
C LEU A 571 8.13 5.72 17.39
N HIS A 572 8.64 4.74 18.14
CA HIS A 572 8.80 4.90 19.58
C HIS A 572 10.27 4.92 19.97
N ASP B 10 4.49 29.45 -54.55
CA ASP B 10 5.06 29.64 -53.22
C ASP B 10 3.96 29.93 -52.20
N PRO B 11 4.26 29.73 -50.91
CA PRO B 11 3.22 29.90 -49.89
C PRO B 11 3.19 31.31 -49.30
N LEU B 12 2.18 32.09 -49.68
CA LEU B 12 2.01 33.43 -49.14
C LEU B 12 0.75 33.47 -48.28
N VAL B 13 0.81 34.23 -47.19
CA VAL B 13 -0.34 34.38 -46.31
C VAL B 13 -0.44 35.83 -45.84
N ALA B 14 -1.64 36.38 -45.94
CA ALA B 14 -1.89 37.72 -45.45
C ALA B 14 -2.35 37.68 -44.00
N THR B 15 -1.71 38.50 -43.16
CA THR B 15 -2.12 38.66 -41.77
C THR B 15 -2.47 40.12 -41.49
N ASN B 16 -2.92 40.38 -40.27
CA ASN B 16 -3.32 41.71 -39.87
C ASN B 16 -2.14 42.66 -39.73
N PHE B 17 -0.92 42.14 -39.87
CA PHE B 17 0.29 42.95 -39.77
C PHE B 17 1.09 42.90 -41.07
N GLY B 18 0.59 42.19 -42.06
CA GLY B 18 1.29 42.06 -43.32
C GLY B 18 1.29 40.66 -43.90
N LYS B 19 1.79 40.56 -45.13
CA LYS B 19 1.91 39.30 -45.84
C LYS B 19 3.22 38.59 -45.47
N ILE B 20 3.17 37.27 -45.32
CA ILE B 20 4.38 36.51 -44.98
C ILE B 20 4.55 35.29 -45.87
N ARG B 21 5.80 34.94 -46.13
CA ARG B 21 6.12 33.78 -46.95
C ARG B 21 6.69 32.66 -46.09
N GLY B 22 6.02 31.52 -46.12
CA GLY B 22 6.52 30.33 -45.47
C GLY B 22 7.41 29.54 -46.41
N ILE B 23 7.72 28.30 -46.05
CA ILE B 23 8.51 27.42 -46.89
C ILE B 23 8.00 25.99 -46.79
N LYS B 24 7.76 25.36 -47.93
CA LYS B 24 7.28 23.98 -47.97
C LYS B 24 8.38 23.04 -47.48
N LYS B 25 7.96 21.94 -46.86
CA LYS B 25 8.90 20.99 -46.27
C LYS B 25 8.43 19.56 -46.45
N GLU B 26 9.23 18.76 -47.15
CA GLU B 26 8.94 17.34 -47.31
C GLU B 26 9.44 16.58 -46.09
N LEU B 27 8.64 15.63 -45.61
CA LEU B 27 9.00 14.86 -44.43
C LEU B 27 9.59 13.51 -44.83
N ASN B 28 10.49 12.99 -44.00
CA ASN B 28 11.21 11.76 -44.31
C ASN B 28 10.38 10.53 -43.98
N ASN B 29 9.17 10.48 -44.53
CA ASN B 29 8.32 9.30 -44.42
C ASN B 29 7.28 9.34 -45.53
N GLU B 30 6.92 8.17 -46.06
CA GLU B 30 5.98 8.08 -47.16
C GLU B 30 4.55 8.37 -46.72
N ILE B 31 4.22 7.95 -45.51
CA ILE B 31 2.85 8.11 -45.01
C ILE B 31 2.54 9.58 -44.78
N LEU B 32 3.57 10.42 -44.72
CA LEU B 32 3.39 11.83 -44.34
C LEU B 32 3.42 12.74 -45.56
N GLY B 33 2.38 13.56 -45.68
CA GLY B 33 2.34 14.60 -46.68
C GLY B 33 3.15 15.79 -46.21
N PRO B 34 3.43 16.74 -47.11
CA PRO B 34 4.29 17.87 -46.76
C PRO B 34 3.58 18.92 -45.91
N VAL B 35 4.35 19.85 -45.38
CA VAL B 35 3.80 20.93 -44.56
C VAL B 35 4.48 22.23 -44.93
N ILE B 36 3.73 23.33 -44.86
CA ILE B 36 4.31 24.64 -45.00
C ILE B 36 4.60 25.14 -43.60
N GLN B 37 5.84 25.57 -43.36
CA GLN B 37 6.18 26.07 -42.03
C GLN B 37 6.59 27.53 -42.09
N PHE B 38 5.98 28.32 -41.21
CA PHE B 38 6.24 29.75 -41.10
C PHE B 38 7.09 30.03 -39.87
N LEU B 39 8.38 30.20 -40.10
CA LEU B 39 9.36 30.36 -39.03
C LEU B 39 9.71 31.82 -38.77
N GLY B 40 9.68 32.22 -37.50
CA GLY B 40 10.08 33.56 -37.12
C GLY B 40 9.00 34.58 -37.41
N VAL B 41 7.78 34.28 -36.97
CA VAL B 41 6.66 35.19 -37.14
C VAL B 41 6.49 36.04 -35.89
N PRO B 42 6.65 37.37 -36.01
CA PRO B 42 6.47 38.20 -34.82
C PRO B 42 5.02 38.24 -34.35
N TYR B 43 4.80 37.95 -33.07
CA TYR B 43 3.46 38.05 -32.50
C TYR B 43 3.41 39.19 -31.48
N ALA B 44 4.53 39.87 -31.30
CA ALA B 44 4.62 40.98 -30.36
C ALA B 44 5.77 41.90 -30.70
N ALA B 45 5.70 43.13 -30.20
CA ALA B 45 6.77 44.09 -30.38
C ALA B 45 7.96 43.64 -29.54
N PRO B 46 9.19 43.94 -29.99
CA PRO B 46 10.35 43.55 -29.19
C PRO B 46 10.33 44.12 -27.77
N PRO B 47 10.46 43.28 -26.75
CA PRO B 47 10.45 43.80 -25.38
C PRO B 47 11.79 44.39 -25.00
N THR B 48 12.24 45.37 -25.77
CA THR B 48 13.56 45.95 -25.59
C THR B 48 13.47 47.34 -24.98
N GLY B 49 14.57 47.79 -24.38
CA GLY B 49 14.63 49.12 -23.81
C GLY B 49 13.61 49.39 -22.72
N GLU B 50 12.67 50.30 -22.99
CA GLU B 50 11.68 50.70 -22.01
C GLU B 50 10.58 49.64 -21.86
N ARG B 51 10.56 48.68 -22.78
CA ARG B 51 9.57 47.61 -22.73
C ARG B 51 10.12 46.35 -22.07
N ARG B 52 11.33 46.42 -21.54
CA ARG B 52 11.86 45.36 -20.69
C ARG B 52 11.15 45.45 -19.34
N PHE B 53 10.76 44.31 -18.79
CA PHE B 53 9.99 44.28 -17.55
C PHE B 53 8.64 44.98 -17.74
N GLN B 54 8.09 44.87 -18.95
CA GLN B 54 6.79 45.45 -19.27
C GLN B 54 5.93 44.46 -20.05
N PRO B 55 4.59 44.60 -19.95
CA PRO B 55 3.74 43.71 -20.74
C PRO B 55 4.03 43.83 -22.23
N PRO B 56 3.85 42.74 -22.98
CA PRO B 56 4.15 42.76 -24.42
C PRO B 56 3.19 43.62 -25.22
N GLU B 57 3.72 44.50 -26.06
CA GLU B 57 2.88 45.27 -26.98
C GLU B 57 2.77 44.51 -28.29
N PRO B 58 1.77 44.84 -29.12
CA PRO B 58 1.63 44.14 -30.39
C PRO B 58 2.75 44.47 -31.38
N PRO B 59 2.99 43.59 -32.36
CA PRO B 59 4.08 43.76 -33.32
C PRO B 59 3.77 44.86 -34.34
N SER B 60 4.80 45.47 -34.92
CA SER B 60 4.60 46.48 -35.95
C SER B 60 4.23 45.85 -37.28
N PRO B 61 3.30 46.48 -38.03
CA PRO B 61 2.99 45.96 -39.37
C PRO B 61 4.06 46.30 -40.40
N TRP B 62 4.13 45.50 -41.47
CA TRP B 62 5.09 45.71 -42.54
C TRP B 62 4.37 45.78 -43.89
N SER B 63 4.90 46.62 -44.78
CA SER B 63 4.26 46.91 -46.05
C SER B 63 4.36 45.77 -47.06
N ASP B 64 5.51 45.11 -47.12
CA ASP B 64 5.79 44.13 -48.16
C ASP B 64 5.61 42.71 -47.63
N ILE B 65 6.36 41.78 -48.21
CA ILE B 65 6.33 40.39 -47.77
C ILE B 65 7.48 40.12 -46.82
N ARG B 66 7.17 39.54 -45.66
CA ARG B 66 8.21 39.20 -44.69
C ARG B 66 8.44 37.71 -44.82
N ASN B 67 9.69 37.33 -45.06
CA ASN B 67 10.06 35.93 -45.25
C ASN B 67 10.10 35.24 -43.90
N ALA B 68 9.30 34.19 -43.72
CA ALA B 68 9.34 33.38 -42.51
C ALA B 68 9.88 32.00 -42.84
N THR B 69 11.19 31.93 -43.08
CA THR B 69 11.80 30.71 -43.59
C THR B 69 12.96 30.24 -42.73
N GLN B 70 13.29 31.01 -41.69
CA GLN B 70 14.35 30.61 -40.76
C GLN B 70 13.97 31.00 -39.34
N PHE B 71 14.41 30.20 -38.36
CA PHE B 71 14.20 30.52 -36.95
C PHE B 71 14.76 31.89 -36.62
N ALA B 72 14.04 32.62 -35.76
CA ALA B 72 14.54 33.87 -35.22
C ALA B 72 15.43 33.58 -34.02
N PRO B 73 16.33 34.52 -33.68
CA PRO B 73 17.15 34.31 -32.49
C PRO B 73 16.28 34.08 -31.25
N VAL B 74 16.73 33.20 -30.36
CA VAL B 74 15.93 32.83 -29.21
C VAL B 74 16.07 33.85 -28.11
N CYS B 75 15.31 33.66 -27.03
CA CYS B 75 15.34 34.60 -25.92
C CYS B 75 16.61 34.37 -25.10
N PRO B 76 17.15 35.44 -24.49
CA PRO B 76 18.42 35.31 -23.77
C PRO B 76 18.42 34.21 -22.72
N GLN B 77 19.49 33.42 -22.71
CA GLN B 77 19.63 32.30 -21.79
C GLN B 77 21.08 31.85 -21.74
N ASN B 78 21.44 31.13 -20.67
CA ASN B 78 22.80 30.62 -20.52
C ASN B 78 22.80 29.18 -19.99
N ILE B 79 23.04 28.23 -20.89
CA ILE B 79 23.12 26.82 -20.49
C ILE B 79 24.57 26.33 -20.59
N ILE B 80 25.36 27.07 -21.37
CA ILE B 80 26.77 26.77 -21.57
C ILE B 80 27.64 27.07 -20.35
N ASP B 81 27.33 28.15 -19.63
CA ASP B 81 28.12 28.53 -18.47
C ASP B 81 27.65 27.79 -17.22
N ARG B 83 25.62 23.60 -12.95
CA ARG B 83 25.29 24.84 -13.65
C ARG B 83 23.82 24.86 -14.05
N LEU B 84 23.34 23.75 -14.60
CA LEU B 84 21.95 23.63 -15.05
C LEU B 84 21.14 22.74 -14.12
N PRO B 85 19.94 23.19 -13.71
CA PRO B 85 19.20 22.31 -12.81
C PRO B 85 18.76 21.07 -13.57
N GLU B 86 19.63 20.07 -13.59
CA GLU B 86 19.38 18.83 -14.33
C GLU B 86 18.09 18.12 -13.91
N VAL B 87 17.66 18.32 -12.68
CA VAL B 87 16.53 17.57 -12.14
C VAL B 87 15.21 18.08 -12.72
N MET B 88 15.16 19.36 -13.08
CA MET B 88 13.97 19.92 -13.71
C MET B 88 13.98 19.70 -15.21
N LEU B 89 15.17 19.74 -15.80
CA LEU B 89 15.32 19.71 -17.25
C LEU B 89 15.05 18.33 -17.82
N PRO B 90 14.39 18.25 -18.98
CA PRO B 90 14.22 16.96 -19.65
C PRO B 90 15.56 16.28 -19.87
N VAL B 91 15.59 14.95 -19.87
CA VAL B 91 16.85 14.23 -19.98
C VAL B 91 17.45 14.42 -21.37
N TRP B 92 16.62 14.35 -22.41
CA TRP B 92 17.12 14.54 -23.77
C TRP B 92 17.77 15.91 -23.93
N PHE B 93 17.40 16.84 -23.06
CA PHE B 93 17.99 18.17 -23.07
C PHE B 93 19.42 18.11 -22.54
N THR B 94 19.57 17.66 -21.30
CA THR B 94 20.88 17.61 -20.66
C THR B 94 21.81 16.58 -21.30
N ASN B 95 21.24 15.53 -21.89
CA ASN B 95 22.03 14.44 -22.44
C ASN B 95 22.87 14.87 -23.64
N ASN B 96 22.31 15.70 -24.51
CA ASN B 96 23.09 16.22 -25.65
CA ASN B 96 23.04 16.21 -25.67
C ASN B 96 22.96 17.73 -25.75
N LEU B 97 23.63 18.41 -24.82
CA LEU B 97 23.65 19.86 -24.80
C LEU B 97 24.32 20.44 -26.04
N ASP B 98 25.23 19.68 -26.63
CA ASP B 98 25.97 20.14 -27.80
C ASP B 98 25.02 20.51 -28.93
N VAL B 99 24.03 19.66 -29.16
CA VAL B 99 23.03 19.89 -30.20
C VAL B 99 22.07 20.97 -29.73
N VAL B 100 21.60 20.83 -28.49
CA VAL B 100 20.69 21.80 -27.90
C VAL B 100 21.30 23.19 -27.94
N SER B 101 22.63 23.26 -27.81
CA SER B 101 23.34 24.53 -27.78
C SER B 101 23.22 25.25 -29.12
N SER B 102 23.31 24.48 -30.21
CA SER B 102 23.23 25.05 -31.55
C SER B 102 21.88 25.74 -31.77
N TYR B 103 20.86 25.30 -31.04
CA TYR B 103 19.54 25.90 -31.13
C TYR B 103 19.44 27.21 -30.36
N VAL B 104 20.41 27.45 -29.48
CA VAL B 104 20.33 28.56 -28.53
C VAL B 104 21.50 29.53 -28.73
N GLN B 105 22.39 29.22 -29.67
CA GLN B 105 23.56 30.07 -29.91
C GLN B 105 23.17 31.52 -30.15
N ASP B 106 22.24 31.74 -31.09
CA ASP B 106 21.88 33.09 -31.51
C ASP B 106 20.74 33.66 -30.65
N GLN B 107 21.09 34.60 -29.78
CA GLN B 107 20.13 35.15 -28.81
C GLN B 107 19.93 36.65 -29.01
N SER B 108 18.78 37.13 -28.52
CA SER B 108 18.43 38.54 -28.63
C SER B 108 17.23 38.81 -27.74
N GLU B 109 17.21 39.98 -27.10
CA GLU B 109 16.06 40.37 -26.29
C GLU B 109 14.83 40.47 -27.19
N ASP B 110 15.07 40.80 -28.46
CA ASP B 110 14.04 40.75 -29.49
C ASP B 110 13.85 39.31 -29.94
N CYS B 111 12.99 38.59 -29.23
CA CYS B 111 12.87 37.14 -29.41
C CYS B 111 11.43 36.63 -29.39
N LEU B 112 10.45 37.53 -29.35
CA LEU B 112 9.06 37.12 -29.31
C LEU B 112 8.59 36.69 -30.68
N TYR B 113 8.87 35.44 -31.02
CA TYR B 113 8.52 34.88 -32.31
C TYR B 113 7.95 33.49 -32.14
N LEU B 114 7.02 33.13 -33.02
CA LEU B 114 6.42 31.80 -32.99
C LEU B 114 6.53 31.16 -34.38
N ASN B 115 6.41 29.84 -34.43
CA ASN B 115 6.53 29.11 -35.68
C ASN B 115 5.23 28.39 -35.99
N ILE B 116 4.82 28.41 -37.25
CA ILE B 116 3.60 27.74 -37.68
C ILE B 116 3.96 26.53 -38.53
N TYR B 117 3.27 25.42 -38.29
CA TYR B 117 3.38 24.24 -39.13
C TYR B 117 2.00 23.88 -39.67
N VAL B 118 1.83 24.05 -40.99
CA VAL B 118 0.53 23.87 -41.62
C VAL B 118 0.52 22.63 -42.49
N PRO B 119 -0.52 21.78 -42.38
CA PRO B 119 -0.54 20.57 -43.21
C PRO B 119 -0.86 20.86 -44.68
N THR B 120 -1.06 19.79 -45.44
CA THR B 120 -1.37 19.91 -46.87
C THR B 120 -2.38 18.85 -47.27
N GLY B 129 -12.58 22.03 -43.89
CA GLY B 129 -12.86 23.13 -42.99
C GLY B 129 -11.63 23.58 -42.22
N PRO B 130 -11.77 24.64 -41.41
CA PRO B 130 -10.66 25.13 -40.58
C PRO B 130 -10.14 24.06 -39.63
N LYS B 131 -8.82 23.97 -39.50
CA LYS B 131 -8.21 22.90 -38.72
C LYS B 131 -7.97 23.30 -37.26
N PRO B 132 -7.88 22.31 -36.36
CA PRO B 132 -7.52 22.60 -34.97
C PRO B 132 -6.14 23.22 -34.86
N VAL B 133 -5.91 24.01 -33.81
CA VAL B 133 -4.62 24.64 -33.61
C VAL B 133 -4.02 24.17 -32.29
N MET B 134 -2.85 23.55 -32.38
CA MET B 134 -2.12 23.11 -31.20
C MET B 134 -0.92 24.02 -30.95
N VAL B 135 -1.00 24.81 -29.89
CA VAL B 135 0.07 25.72 -29.53
C VAL B 135 0.94 25.06 -28.49
N TYR B 136 2.21 24.83 -28.81
CA TYR B 136 3.11 24.20 -27.86
C TYR B 136 3.85 25.23 -27.02
N ILE B 137 3.84 25.02 -25.70
CA ILE B 137 4.52 25.91 -24.77
C ILE B 137 5.67 25.14 -24.11
N HIS B 138 6.90 25.42 -24.55
CA HIS B 138 8.06 24.74 -24.02
C HIS B 138 8.37 25.19 -22.59
N GLY B 139 9.41 24.60 -22.01
CA GLY B 139 9.85 25.01 -20.69
C GLY B 139 10.57 23.92 -19.91
N GLY B 140 11.67 24.29 -19.28
CA GLY B 140 12.41 23.38 -18.41
C GLY B 140 12.39 23.88 -16.98
N SER B 141 13.10 24.99 -16.74
CA SER B 141 13.15 25.58 -15.40
C SER B 141 12.65 27.03 -15.41
N TYR B 142 12.00 27.42 -16.50
CA TYR B 142 11.65 28.82 -16.79
C TYR B 142 12.86 29.64 -17.21
N MET B 143 14.06 29.07 -17.11
CA MET B 143 15.29 29.83 -17.33
C MET B 143 15.80 29.76 -18.77
N GLU B 144 15.44 28.71 -19.49
CA GLU B 144 16.04 28.44 -20.80
C GLU B 144 15.08 27.72 -21.73
N GLY B 145 15.57 27.40 -22.93
CA GLY B 145 14.78 26.68 -23.90
C GLY B 145 14.31 27.50 -25.09
N THR B 146 13.56 26.85 -25.97
CA THR B 146 12.98 27.50 -27.13
C THR B 146 11.95 26.56 -27.76
N GLY B 147 10.92 27.14 -28.38
CA GLY B 147 9.94 26.34 -29.09
C GLY B 147 10.54 25.71 -30.33
N ASN B 148 11.68 26.25 -30.75
CA ASN B 148 12.36 25.79 -31.96
C ASN B 148 12.82 24.34 -31.84
N LEU B 149 13.16 23.93 -30.62
CA LEU B 149 13.60 22.56 -30.38
C LEU B 149 12.54 21.53 -30.75
N TYR B 150 11.28 21.96 -30.70
CA TYR B 150 10.16 21.04 -30.87
C TYR B 150 9.56 21.17 -32.26
N ASP B 151 10.07 20.38 -33.19
CA ASP B 151 9.60 20.40 -34.57
C ASP B 151 8.17 19.87 -34.65
N GLY B 152 7.24 20.71 -35.09
CA GLY B 152 5.84 20.34 -35.13
C GLY B 152 5.37 19.83 -36.48
N SER B 153 6.33 19.46 -37.33
CA SER B 153 6.03 19.06 -38.70
C SER B 153 5.22 17.78 -38.78
N VAL B 154 5.72 16.71 -38.16
CA VAL B 154 5.09 15.39 -38.26
C VAL B 154 3.71 15.43 -37.61
N LEU B 155 3.62 16.06 -36.45
CA LEU B 155 2.36 16.12 -35.72
C LEU B 155 1.29 16.79 -36.57
N ALA B 156 1.66 17.90 -37.20
CA ALA B 156 0.74 18.64 -38.06
C ALA B 156 0.33 17.80 -39.25
N SER B 157 1.31 17.15 -39.89
CA SER B 157 1.07 16.34 -41.07
C SER B 157 0.23 15.12 -40.75
N TYR B 158 0.70 14.31 -39.80
CA TYR B 158 0.01 13.09 -39.41
C TYR B 158 -1.38 13.37 -38.91
N GLY B 159 -1.49 14.35 -38.01
CA GLY B 159 -2.76 14.65 -37.35
C GLY B 159 -3.71 15.51 -38.15
N ASN B 160 -3.19 16.16 -39.20
CA ASN B 160 -3.95 17.12 -39.97
C ASN B 160 -4.47 18.22 -39.05
N VAL B 161 -3.54 18.84 -38.34
CA VAL B 161 -3.84 19.99 -37.50
C VAL B 161 -2.73 21.01 -37.68
N ILE B 162 -3.00 22.27 -37.37
CA ILE B 162 -1.95 23.28 -37.36
C ILE B 162 -1.23 23.23 -36.03
N VAL B 163 0.09 23.25 -36.09
CA VAL B 163 0.90 23.25 -34.88
C VAL B 163 1.70 24.54 -34.78
N ILE B 164 1.72 25.10 -33.58
CA ILE B 164 2.47 26.32 -33.33
C ILE B 164 3.43 26.11 -32.16
N THR B 165 4.65 26.62 -32.31
CA THR B 165 5.62 26.65 -31.22
C THR B 165 5.97 28.09 -30.94
N VAL B 166 6.10 28.45 -29.67
CA VAL B 166 6.28 29.85 -29.29
C VAL B 166 7.59 30.06 -28.54
N ASN B 167 8.14 31.27 -28.67
CA ASN B 167 9.24 31.70 -27.84
C ASN B 167 8.78 32.86 -26.97
N TYR B 168 8.92 32.69 -25.66
CA TYR B 168 8.49 33.69 -24.69
C TYR B 168 9.66 34.05 -23.77
N ARG B 169 9.59 35.24 -23.17
CA ARG B 169 10.67 35.73 -22.34
C ARG B 169 11.00 34.76 -21.20
N LEU B 170 12.30 34.58 -20.95
CA LEU B 170 12.79 33.59 -19.99
C LEU B 170 13.60 34.22 -18.86
N GLY B 171 13.79 33.45 -17.79
CA GLY B 171 14.68 33.83 -16.70
C GLY B 171 14.39 35.20 -16.13
N VAL B 172 15.44 35.99 -15.96
CA VAL B 172 15.33 37.34 -15.43
C VAL B 172 14.33 38.17 -16.23
N LEU B 173 14.55 38.26 -17.54
CA LEU B 173 13.77 39.16 -18.39
C LEU B 173 12.29 38.79 -18.39
N GLY B 174 11.99 37.51 -18.23
CA GLY B 174 10.61 37.05 -18.34
C GLY B 174 9.83 36.96 -17.04
N PHE B 175 10.50 36.98 -15.89
CA PHE B 175 9.81 36.71 -14.62
C PHE B 175 10.34 37.47 -13.41
N LEU B 176 11.35 38.32 -13.59
CA LEU B 176 11.87 39.09 -12.46
C LEU B 176 10.76 39.93 -11.86
N SER B 177 10.65 39.91 -10.54
CA SER B 177 9.68 40.72 -9.83
C SER B 177 10.24 41.23 -8.51
N THR B 178 9.87 42.45 -8.15
CA THR B 178 10.37 43.08 -6.94
C THR B 178 9.34 43.04 -5.81
N GLY B 179 8.18 42.45 -6.07
CA GLY B 179 7.10 42.45 -5.10
C GLY B 179 6.33 43.75 -5.11
N ASP B 180 6.52 44.55 -6.16
CA ASP B 180 5.92 45.87 -6.27
C ASP B 180 5.18 46.03 -7.59
N GLN B 181 4.59 47.21 -7.80
CA GLN B 181 4.05 47.55 -9.11
C GLN B 181 5.20 47.96 -10.04
N ALA B 182 6.38 48.14 -9.46
CA ALA B 182 7.57 48.50 -10.22
C ALA B 182 7.95 47.39 -11.20
N ALA B 183 7.90 46.15 -10.72
CA ALA B 183 8.09 44.98 -11.57
C ALA B 183 7.16 43.89 -11.09
N LYS B 184 6.00 43.78 -11.74
CA LYS B 184 4.96 42.87 -11.29
C LYS B 184 5.22 41.43 -11.73
N GLY B 185 6.12 41.26 -12.69
CA GLY B 185 6.51 39.93 -13.14
C GLY B 185 5.57 39.29 -14.15
N ASN B 186 5.74 37.99 -14.36
CA ASN B 186 4.88 37.23 -15.26
C ASN B 186 4.92 37.74 -16.68
N TYR B 187 6.03 38.37 -17.06
CA TYR B 187 6.16 38.91 -18.41
C TYR B 187 6.14 37.78 -19.43
N GLY B 188 6.73 36.65 -19.06
CA GLY B 188 6.72 35.47 -19.92
C GLY B 188 5.33 34.94 -20.19
N LEU B 189 4.50 34.92 -19.15
CA LEU B 189 3.14 34.40 -19.27
C LEU B 189 2.30 35.34 -20.13
N LEU B 190 2.50 36.63 -19.96
CA LEU B 190 1.82 37.63 -20.78
C LEU B 190 2.21 37.48 -22.25
N ASP B 191 3.47 37.12 -22.49
CA ASP B 191 3.93 36.86 -23.85
C ASP B 191 3.15 35.71 -24.46
N LEU B 192 2.97 34.65 -23.68
CA LEU B 192 2.19 33.51 -24.11
C LEU B 192 0.75 33.94 -24.42
N ILE B 193 0.20 34.81 -23.57
CA ILE B 193 -1.14 35.35 -23.80
C ILE B 193 -1.15 36.10 -25.12
N GLN B 194 -0.13 36.92 -25.34
CA GLN B 194 -0.04 37.72 -26.54
C GLN B 194 0.01 36.82 -27.78
N ALA B 195 0.79 35.75 -27.71
CA ALA B 195 0.90 34.81 -28.80
C ALA B 195 -0.45 34.15 -29.09
N LEU B 196 -1.20 33.87 -28.04
CA LEU B 196 -2.50 33.23 -28.18
C LEU B 196 -3.52 34.19 -28.77
N ARG B 197 -3.49 35.44 -28.34
CA ARG B 197 -4.37 36.45 -28.90
C ARG B 197 -4.03 36.66 -30.36
N TRP B 198 -2.75 36.76 -30.66
CA TRP B 198 -2.30 36.88 -32.05
C TRP B 198 -2.84 35.71 -32.85
N THR B 199 -2.68 34.52 -32.30
CA THR B 199 -3.11 33.30 -32.97
C THR B 199 -4.61 33.31 -33.20
N SER B 200 -5.35 33.71 -32.17
CA SER B 200 -6.80 33.70 -32.23
C SER B 200 -7.32 34.59 -33.35
N GLU B 201 -6.62 35.68 -33.59
CA GLU B 201 -7.12 36.71 -34.50
C GLU B 201 -6.40 36.70 -35.85
N ASN B 202 -5.48 35.76 -36.05
CA ASN B 202 -4.78 35.65 -37.33
C ASN B 202 -4.73 34.24 -37.90
N ILE B 203 -4.91 33.22 -37.06
CA ILE B 203 -4.69 31.85 -37.51
C ILE B 203 -5.71 31.44 -38.56
N GLY B 204 -6.88 32.07 -38.53
CA GLY B 204 -7.91 31.81 -39.52
C GLY B 204 -7.40 32.00 -40.94
N PHE B 205 -6.49 32.95 -41.11
CA PHE B 205 -5.89 33.24 -42.41
C PHE B 205 -5.01 32.10 -42.90
N PHE B 206 -4.60 31.23 -41.98
CA PHE B 206 -3.78 30.06 -42.33
C PHE B 206 -4.64 28.81 -42.48
N GLY B 207 -5.95 28.95 -42.28
CA GLY B 207 -6.86 27.83 -42.35
C GLY B 207 -7.06 27.17 -41.00
N GLY B 208 -6.71 27.91 -39.94
CA GLY B 208 -6.87 27.41 -38.60
C GLY B 208 -8.21 27.77 -37.99
N ASP B 209 -8.61 27.02 -36.96
CA ASP B 209 -9.87 27.24 -36.28
C ASP B 209 -9.62 27.93 -34.94
N PRO B 210 -9.92 29.24 -34.84
CA PRO B 210 -9.61 29.95 -33.60
C PRO B 210 -10.43 29.49 -32.40
N LEU B 211 -11.47 28.70 -32.65
CA LEU B 211 -12.32 28.21 -31.57
C LEU B 211 -12.03 26.76 -31.21
N ARG B 212 -11.02 26.17 -31.85
CA ARG B 212 -10.52 24.86 -31.44
C ARG B 212 -9.02 24.93 -31.27
N ILE B 213 -8.60 25.78 -30.33
CA ILE B 213 -7.20 25.96 -30.00
C ILE B 213 -6.86 25.12 -28.77
N THR B 214 -5.89 24.23 -28.92
CA THR B 214 -5.38 23.44 -27.81
C THR B 214 -3.98 23.92 -27.44
N VAL B 215 -3.76 24.16 -26.16
CA VAL B 215 -2.43 24.51 -25.68
C VAL B 215 -1.85 23.28 -24.99
N PHE B 216 -0.60 22.96 -25.31
CA PHE B 216 0.05 21.82 -24.69
C PHE B 216 1.53 22.09 -24.48
N GLY B 217 2.06 21.56 -23.38
CA GLY B 217 3.45 21.76 -23.03
C GLY B 217 3.94 20.72 -22.04
N SER B 218 5.24 20.50 -22.01
CA SER B 218 5.83 19.52 -21.10
C SER B 218 6.73 20.20 -20.07
N GLY B 219 6.67 19.72 -18.83
CA GLY B 219 7.49 20.27 -17.76
C GLY B 219 7.01 21.63 -17.27
N ALA B 220 7.94 22.57 -17.18
CA ALA B 220 7.58 23.95 -16.84
C ALA B 220 6.58 24.46 -17.86
N GLY B 221 6.71 23.98 -19.10
CA GLY B 221 5.74 24.28 -20.12
C GLY B 221 4.39 23.79 -19.67
N GLY B 222 4.37 22.61 -19.06
CA GLY B 222 3.15 22.07 -18.47
C GLY B 222 2.65 22.95 -17.35
N SER B 223 3.57 23.46 -16.52
CA SER B 223 3.21 24.41 -15.47
C SER B 223 2.55 25.63 -16.09
N CYS B 224 3.17 26.16 -17.15
CA CYS B 224 2.68 27.34 -17.83
C CYS B 224 1.27 27.11 -18.36
N VAL B 225 1.03 25.94 -18.95
CA VAL B 225 -0.29 25.60 -19.45
C VAL B 225 -1.31 25.71 -18.32
N ASN B 226 -0.97 25.11 -17.18
CA ASN B 226 -1.88 25.09 -16.03
C ASN B 226 -2.08 26.48 -15.45
N LEU B 227 -1.01 27.26 -15.38
CA LEU B 227 -1.08 28.61 -14.84
C LEU B 227 -2.00 29.49 -15.68
N LEU B 228 -2.00 29.26 -16.99
CA LEU B 228 -2.84 30.03 -17.90
C LEU B 228 -4.32 29.76 -17.63
N THR B 229 -4.65 28.52 -17.31
CA THR B 229 -6.04 28.14 -17.03
C THR B 229 -6.56 28.85 -15.78
N LEU B 230 -5.66 29.34 -14.94
CA LEU B 230 -6.04 30.04 -13.71
C LEU B 230 -6.09 31.55 -13.88
N SER B 231 -5.67 32.05 -15.04
CA SER B 231 -5.57 33.49 -15.27
C SER B 231 -6.76 34.00 -16.08
N HIS B 232 -7.28 35.16 -15.70
CA HIS B 232 -8.44 35.73 -16.39
C HIS B 232 -8.03 36.40 -17.69
N TYR B 233 -6.74 36.47 -17.95
CA TYR B 233 -6.24 37.01 -19.22
C TYR B 233 -6.46 36.04 -20.37
N SER B 234 -6.64 34.76 -20.03
CA SER B 234 -6.93 33.75 -21.03
C SER B 234 -8.45 33.62 -21.20
N GLU B 235 -9.18 34.57 -20.61
CA GLU B 235 -10.63 34.63 -20.73
C GLU B 235 -11.00 35.56 -21.88
N GLY B 236 -12.07 35.24 -22.58
CA GLY B 236 -12.58 36.07 -23.65
C GLY B 236 -11.87 35.88 -24.99
N ASN B 237 -12.66 35.70 -26.04
CA ASN B 237 -12.14 35.68 -27.40
C ASN B 237 -13.09 36.44 -28.32
N ARG B 238 -12.57 36.95 -29.43
CA ARG B 238 -13.32 37.88 -30.28
C ARG B 238 -14.42 37.24 -31.12
N TRP B 239 -14.51 35.91 -31.11
CA TRP B 239 -15.37 35.23 -32.07
C TRP B 239 -16.70 34.74 -31.48
N SER B 240 -16.67 34.21 -30.27
CA SER B 240 -17.88 33.61 -29.68
C SER B 240 -18.24 34.16 -28.30
N ASN B 241 -19.54 34.35 -28.09
CA ASN B 241 -20.05 34.80 -26.79
C ASN B 241 -20.34 33.62 -25.85
N SER B 242 -20.47 32.42 -26.41
CA SER B 242 -20.70 31.22 -25.61
C SER B 242 -19.42 30.60 -25.04
N THR B 243 -18.38 30.50 -25.86
CA THR B 243 -17.10 29.97 -25.41
C THR B 243 -16.23 31.13 -24.93
N LYS B 244 -15.98 31.17 -23.62
CA LYS B 244 -15.33 32.33 -23.01
C LYS B 244 -13.81 32.24 -23.02
N GLY B 245 -13.25 31.15 -23.51
CA GLY B 245 -11.80 30.97 -23.48
C GLY B 245 -11.08 31.41 -24.74
N LEU B 246 -9.87 31.94 -24.55
CA LEU B 246 -8.96 32.21 -25.67
C LEU B 246 -8.66 30.89 -26.36
N PHE B 247 -8.18 29.95 -25.55
CA PHE B 247 -7.97 28.58 -25.98
C PHE B 247 -9.06 27.74 -25.32
N GLN B 248 -9.31 26.57 -25.88
CA GLN B 248 -10.45 25.77 -25.45
C GLN B 248 -10.03 24.47 -24.75
N ARG B 249 -8.80 24.02 -25.00
CA ARG B 249 -8.33 22.76 -24.40
C ARG B 249 -6.89 22.90 -23.90
N ALA B 250 -6.50 22.00 -23.00
CA ALA B 250 -5.16 22.04 -22.41
C ALA B 250 -4.57 20.65 -22.18
N ILE B 251 -3.29 20.49 -22.50
CA ILE B 251 -2.56 19.27 -22.18
C ILE B 251 -1.30 19.64 -21.42
N ALA B 252 -1.16 19.11 -20.21
CA ALA B 252 -0.01 19.41 -19.37
C ALA B 252 0.79 18.14 -19.09
N GLN B 253 1.94 18.03 -19.74
CA GLN B 253 2.73 16.80 -19.71
C GLN B 253 3.88 16.89 -18.72
N SER B 254 3.77 16.16 -17.62
CA SER B 254 4.81 16.14 -16.60
C SER B 254 5.06 17.55 -16.05
N GLY B 255 3.98 18.26 -15.73
CA GLY B 255 4.08 19.60 -15.18
C GLY B 255 2.77 20.15 -14.68
N THR B 256 2.83 20.86 -13.56
CA THR B 256 1.64 21.42 -12.93
C THR B 256 1.95 22.76 -12.28
N ALA B 257 0.91 23.44 -11.81
CA ALA B 257 1.06 24.71 -11.12
C ALA B 257 1.19 24.51 -9.61
N LEU B 258 1.16 23.26 -9.16
CA LEU B 258 1.09 22.98 -7.73
C LEU B 258 2.41 22.43 -7.17
N SER B 259 3.39 22.19 -8.04
CA SER B 259 4.68 21.67 -7.62
C SER B 259 5.52 22.73 -6.91
N SER B 260 6.53 22.27 -6.17
CA SER B 260 7.39 23.16 -5.39
C SER B 260 8.10 24.20 -6.26
N TRP B 261 8.36 23.84 -7.51
CA TRP B 261 9.12 24.72 -8.39
C TRP B 261 8.27 25.27 -9.55
N ALA B 262 6.96 25.35 -9.32
CA ALA B 262 6.06 25.83 -10.36
C ALA B 262 6.03 27.35 -10.37
N VAL B 263 6.13 27.95 -9.19
CA VAL B 263 6.03 29.40 -9.08
C VAL B 263 7.05 29.89 -8.05
N SER B 264 7.52 31.12 -8.25
CA SER B 264 8.48 31.75 -7.36
C SER B 264 7.76 32.51 -6.24
N PHE B 265 8.08 32.17 -5.00
CA PHE B 265 7.41 32.76 -3.85
C PHE B 265 8.27 33.83 -3.15
N GLN B 266 9.56 33.87 -3.48
CA GLN B 266 10.46 34.88 -2.94
C GLN B 266 11.12 35.69 -4.06
N PRO B 267 10.31 36.32 -4.92
CA PRO B 267 10.85 37.02 -6.09
C PRO B 267 11.69 38.25 -5.74
N ALA B 268 11.26 39.02 -4.75
CA ALA B 268 11.94 40.25 -4.39
C ALA B 268 13.36 39.97 -3.88
N LYS B 269 13.51 38.84 -3.19
CA LYS B 269 14.80 38.43 -2.67
C LYS B 269 15.82 38.29 -3.80
N TYR B 270 15.42 37.58 -4.85
CA TYR B 270 16.33 37.25 -5.94
C TYR B 270 16.49 38.41 -6.91
N ALA B 271 15.52 39.31 -6.95
CA ALA B 271 15.64 40.52 -7.73
C ALA B 271 16.72 41.41 -7.14
N ARG B 272 16.71 41.53 -5.81
CA ARG B 272 17.74 42.27 -5.09
C ARG B 272 19.12 41.63 -5.31
N MET B 273 19.16 40.31 -5.23
CA MET B 273 20.41 39.58 -5.42
C MET B 273 21.04 39.96 -6.75
N LEU B 274 20.22 39.93 -7.80
CA LEU B 274 20.69 40.29 -9.13
C LEU B 274 21.15 41.75 -9.16
N ALA B 275 20.26 42.62 -8.69
CA ALA B 275 20.55 44.05 -8.64
C ALA B 275 21.88 44.30 -7.94
N THR B 276 22.13 43.53 -6.89
CA THR B 276 23.38 43.61 -6.16
C THR B 276 24.56 43.27 -7.07
N LYS B 277 24.48 42.11 -7.72
CA LYS B 277 25.59 41.62 -8.55
C LYS B 277 25.93 42.56 -9.71
N VAL B 278 24.94 43.29 -10.23
CA VAL B 278 25.19 44.21 -11.35
C VAL B 278 25.31 45.65 -10.85
N GLY B 279 25.26 45.83 -9.54
CA GLY B 279 25.51 47.13 -8.93
C GLY B 279 24.30 48.04 -8.89
N CYS B 280 23.11 47.44 -8.88
CA CYS B 280 21.88 48.21 -8.86
C CYS B 280 21.07 48.10 -7.57
N ASN B 281 21.62 47.47 -6.53
CA ASN B 281 20.81 47.30 -5.33
C ASN B 281 20.49 48.67 -4.74
N VAL B 282 19.22 49.03 -4.82
CA VAL B 282 18.76 50.32 -4.36
C VAL B 282 17.56 50.12 -3.45
N SER B 283 17.40 51.01 -2.48
CA SER B 283 16.28 50.98 -1.56
C SER B 283 14.95 50.99 -2.32
N ASP B 284 14.82 51.93 -3.25
CA ASP B 284 13.60 52.07 -4.03
C ASP B 284 13.61 51.15 -5.24
N THR B 285 12.49 50.44 -5.42
CA THR B 285 12.36 49.42 -6.45
C THR B 285 12.27 50.00 -7.86
N VAL B 286 11.69 51.18 -7.99
CA VAL B 286 11.56 51.81 -9.30
C VAL B 286 12.93 52.21 -9.80
N GLU B 287 13.80 52.64 -8.88
CA GLU B 287 15.17 52.97 -9.23
C GLU B 287 15.93 51.69 -9.57
N LEU B 288 15.65 50.64 -8.82
CA LEU B 288 16.26 49.34 -9.03
C LEU B 288 15.94 48.85 -10.45
N VAL B 289 14.65 48.86 -10.79
CA VAL B 289 14.22 48.37 -12.09
C VAL B 289 14.84 49.22 -13.18
N GLU B 290 14.74 50.54 -13.04
CA GLU B 290 15.28 51.46 -14.04
C GLU B 290 16.77 51.23 -14.24
N CYS B 291 17.46 50.82 -13.19
CA CYS B 291 18.89 50.55 -13.26
C CYS B 291 19.13 49.29 -14.09
N LEU B 292 18.37 48.24 -13.81
CA LEU B 292 18.49 46.98 -14.54
C LEU B 292 18.19 47.19 -16.03
N GLN B 293 17.35 48.16 -16.32
CA GLN B 293 16.94 48.44 -17.69
C GLN B 293 18.04 49.11 -18.50
N LYS B 294 19.09 49.58 -17.81
CA LYS B 294 20.19 50.25 -18.49
C LYS B 294 21.34 49.29 -18.72
N LYS B 295 21.14 48.02 -18.39
CA LYS B 295 22.21 47.05 -18.50
C LYS B 295 21.93 46.05 -19.61
N PRO B 296 22.99 45.50 -20.21
CA PRO B 296 22.78 44.50 -21.27
C PRO B 296 22.04 43.30 -20.73
N TYR B 297 21.28 42.61 -21.57
CA TYR B 297 20.57 41.43 -21.13
C TYR B 297 21.56 40.32 -20.80
N LYS B 298 22.68 40.30 -21.53
CA LYS B 298 23.73 39.32 -21.33
C LYS B 298 24.23 39.36 -19.89
N GLU B 299 24.42 40.57 -19.38
CA GLU B 299 24.97 40.74 -18.05
C GLU B 299 23.98 40.24 -17.00
N LEU B 300 22.68 40.45 -17.24
CA LEU B 300 21.66 40.00 -16.29
C LEU B 300 21.48 38.48 -16.33
N VAL B 301 21.49 37.92 -17.54
CA VAL B 301 21.32 36.48 -17.72
C VAL B 301 22.47 35.70 -17.09
N ASP B 302 23.68 36.23 -17.21
CA ASP B 302 24.89 35.51 -16.85
C ASP B 302 25.25 35.55 -15.36
N GLN B 303 24.45 36.24 -14.56
CA GLN B 303 24.70 36.30 -13.12
C GLN B 303 24.30 34.98 -12.47
N ASP B 304 25.08 34.56 -11.47
CA ASP B 304 24.82 33.31 -10.79
C ASP B 304 23.81 33.50 -9.66
N ILE B 305 22.58 33.07 -9.90
CA ILE B 305 21.51 33.15 -8.91
C ILE B 305 20.82 31.81 -8.79
N GLN B 306 21.10 31.11 -7.69
CA GLN B 306 20.54 29.79 -7.43
C GLN B 306 19.61 29.81 -6.22
N PRO B 307 18.40 29.24 -6.35
CA PRO B 307 17.44 29.20 -5.25
C PRO B 307 17.60 27.95 -4.39
N ALA B 308 16.60 27.63 -3.58
CA ALA B 308 16.58 26.39 -2.82
C ALA B 308 16.63 25.20 -3.78
N ARG B 309 16.87 24.01 -3.24
CA ARG B 309 17.14 22.84 -4.07
C ARG B 309 15.99 22.49 -5.01
N TYR B 310 14.77 22.54 -4.50
CA TYR B 310 13.59 22.17 -5.28
C TYR B 310 12.68 23.38 -5.52
N HIS B 311 13.27 24.56 -5.53
CA HIS B 311 12.51 25.79 -5.78
C HIS B 311 13.17 26.60 -6.88
N ILE B 312 12.51 27.68 -7.30
CA ILE B 312 13.04 28.54 -8.35
C ILE B 312 13.23 29.96 -7.83
N ALA B 313 14.09 30.71 -8.51
CA ALA B 313 14.33 32.11 -8.17
C ALA B 313 13.49 33.00 -9.07
N PHE B 314 13.50 32.71 -10.36
CA PHE B 314 12.77 33.50 -11.34
C PHE B 314 11.74 32.65 -12.08
N GLY B 315 10.46 32.98 -11.87
CA GLY B 315 9.38 32.29 -12.52
C GLY B 315 8.05 32.96 -12.27
N PRO B 316 6.95 32.30 -12.67
CA PRO B 316 5.60 32.79 -12.42
C PRO B 316 5.42 33.24 -10.98
N VAL B 317 4.83 34.41 -10.77
CA VAL B 317 4.66 34.94 -9.43
C VAL B 317 3.20 35.25 -9.16
N ILE B 318 2.88 35.33 -7.88
CA ILE B 318 1.52 35.58 -7.42
C ILE B 318 1.36 37.08 -7.32
N ASP B 319 0.88 37.69 -8.39
CA ASP B 319 0.83 39.14 -8.50
C ASP B 319 -0.55 39.70 -8.15
N GLY B 320 -1.52 38.82 -7.95
CA GLY B 320 -2.87 39.24 -7.65
C GLY B 320 -3.62 39.74 -8.86
N ASP B 321 -2.99 39.60 -10.03
CA ASP B 321 -3.60 40.02 -11.28
C ASP B 321 -3.55 38.89 -12.31
N VAL B 322 -2.37 38.71 -12.92
CA VAL B 322 -2.18 37.65 -13.89
C VAL B 322 -2.41 36.32 -13.18
N ILE B 323 -1.80 36.19 -12.00
CA ILE B 323 -2.01 35.05 -11.14
C ILE B 323 -2.68 35.58 -9.89
N PRO B 324 -4.01 35.47 -9.80
CA PRO B 324 -4.74 36.19 -8.74
C PRO B 324 -4.50 35.67 -7.34
N ASP B 325 -4.05 34.42 -7.22
CA ASP B 325 -3.79 33.84 -5.90
C ASP B 325 -2.98 32.56 -6.05
N ASP B 326 -2.57 31.98 -4.92
CA ASP B 326 -1.89 30.69 -4.93
C ASP B 326 -2.69 29.70 -5.78
N PRO B 327 -2.05 29.07 -6.77
CA PRO B 327 -2.77 28.08 -7.59
C PRO B 327 -3.50 27.00 -6.78
N GLN B 328 -2.93 26.60 -5.65
CA GLN B 328 -3.57 25.61 -4.80
C GLN B 328 -4.93 26.11 -4.33
N ILE B 329 -4.96 27.32 -3.78
CA ILE B 329 -6.20 27.92 -3.30
C ILE B 329 -7.16 28.07 -4.47
N LEU B 330 -6.66 28.60 -5.57
CA LEU B 330 -7.48 28.81 -6.77
C LEU B 330 -8.12 27.49 -7.21
N MET B 331 -7.31 26.45 -7.32
CA MET B 331 -7.81 25.14 -7.75
C MET B 331 -8.91 24.66 -6.82
N GLU B 332 -8.68 24.77 -5.51
CA GLU B 332 -9.64 24.29 -4.52
C GLU B 332 -10.97 25.03 -4.61
N GLN B 333 -10.90 26.32 -4.92
CA GLN B 333 -12.10 27.13 -5.05
C GLN B 333 -12.65 27.08 -6.48
N GLY B 334 -12.03 26.25 -7.32
CA GLY B 334 -12.49 26.07 -8.68
C GLY B 334 -12.46 27.32 -9.52
N GLU B 335 -11.48 28.18 -9.28
CA GLU B 335 -11.40 29.46 -10.00
C GLU B 335 -10.70 29.28 -11.34
N PHE B 336 -11.41 28.64 -12.27
CA PHE B 336 -10.87 28.41 -13.61
C PHE B 336 -11.98 28.03 -14.57
N LEU B 337 -11.90 28.51 -15.80
CA LEU B 337 -12.86 28.14 -16.82
C LEU B 337 -12.77 26.64 -17.08
N ASN B 338 -13.89 26.06 -17.51
CA ASN B 338 -13.93 24.63 -17.78
C ASN B 338 -13.35 24.32 -19.14
N TYR B 339 -12.07 23.97 -19.15
CA TYR B 339 -11.41 23.56 -20.38
C TYR B 339 -11.44 22.05 -20.47
N ASP B 340 -11.32 21.52 -21.68
CA ASP B 340 -11.04 20.11 -21.83
C ASP B 340 -9.58 19.92 -21.42
N ILE B 341 -9.37 19.16 -20.34
CA ILE B 341 -8.04 19.03 -19.74
C ILE B 341 -7.50 17.63 -19.96
N MET B 342 -6.18 17.52 -20.03
CA MET B 342 -5.52 16.24 -20.16
C MET B 342 -4.14 16.32 -19.52
N LEU B 343 -3.89 15.44 -18.55
CA LEU B 343 -2.62 15.45 -17.82
C LEU B 343 -2.05 14.05 -17.68
N GLY B 344 -0.75 13.97 -17.42
CA GLY B 344 -0.11 12.69 -17.18
C GLY B 344 1.32 12.83 -16.72
N VAL B 345 1.94 11.69 -16.42
CA VAL B 345 3.33 11.66 -15.98
C VAL B 345 4.05 10.50 -16.66
N ASN B 346 5.36 10.41 -16.45
CA ASN B 346 6.13 9.29 -16.96
C ASN B 346 6.50 8.35 -15.81
N GLN B 347 6.78 7.09 -16.13
CA GLN B 347 7.07 6.07 -15.12
C GLN B 347 8.10 6.56 -14.12
N GLY B 348 9.26 6.98 -14.62
CA GLY B 348 10.36 7.36 -13.78
C GLY B 348 10.87 8.76 -14.04
N GLU B 349 10.02 9.75 -13.76
CA GLU B 349 10.38 11.15 -13.93
C GLU B 349 11.69 11.50 -13.24
N GLY B 350 11.85 11.03 -12.00
CA GLY B 350 12.93 11.46 -11.14
C GLY B 350 14.28 10.81 -11.36
N LEU B 351 14.54 10.39 -12.60
CA LEU B 351 15.82 9.78 -12.94
C LEU B 351 17.00 10.61 -12.41
N LYS B 352 17.11 11.86 -12.87
CA LYS B 352 18.27 12.69 -12.56
C LYS B 352 18.45 12.97 -11.07
N PHE B 353 17.41 12.71 -10.27
CA PHE B 353 17.54 12.80 -8.82
C PHE B 353 18.42 11.67 -8.27
N VAL B 354 18.39 10.54 -8.97
CA VAL B 354 18.99 9.30 -8.48
C VAL B 354 20.28 8.95 -9.23
N GLU B 355 20.41 9.46 -10.46
CA GLU B 355 21.46 9.01 -11.37
C GLU B 355 22.86 9.07 -10.77
N ASN B 356 23.14 10.12 -10.01
CA ASN B 356 24.48 10.29 -9.43
C ASN B 356 24.78 9.26 -8.34
N ILE B 357 23.73 8.71 -7.74
CA ILE B 357 23.87 7.85 -6.56
C ILE B 357 24.24 6.40 -6.92
N VAL B 358 23.70 5.89 -8.02
CA VAL B 358 23.90 4.49 -8.38
C VAL B 358 25.38 4.19 -8.59
N ASP B 359 25.80 3.02 -8.15
CA ASP B 359 27.19 2.58 -8.30
C ASP B 359 27.36 1.78 -9.58
N SER B 360 28.52 1.13 -9.74
CA SER B 360 28.80 0.36 -10.96
C SER B 360 27.71 -0.66 -11.19
N ASP B 361 27.29 -1.34 -10.13
CA ASP B 361 26.16 -2.23 -10.22
C ASP B 361 24.95 -1.31 -10.22
N ASP B 362 23.86 -1.74 -10.83
CA ASP B 362 22.71 -0.86 -10.99
C ASP B 362 21.85 -0.78 -9.73
N GLY B 363 22.46 -0.33 -8.63
CA GLY B 363 21.76 -0.24 -7.36
C GLY B 363 22.35 0.78 -6.42
N ILE B 364 21.55 1.17 -5.41
CA ILE B 364 21.99 2.13 -4.41
C ILE B 364 21.90 1.48 -3.03
N SER B 365 22.93 1.68 -2.23
CA SER B 365 23.04 1.06 -0.92
C SER B 365 22.01 1.63 0.05
N ALA B 366 21.74 0.88 1.12
CA ALA B 366 20.84 1.33 2.17
C ALA B 366 21.40 2.59 2.83
N SER B 367 22.72 2.71 2.82
CA SER B 367 23.38 3.89 3.37
C SER B 367 22.95 5.14 2.61
N ASP B 368 23.33 5.21 1.34
CA ASP B 368 23.00 6.34 0.49
C ASP B 368 21.50 6.64 0.49
N PHE B 369 20.69 5.58 0.52
CA PHE B 369 19.24 5.73 0.55
C PHE B 369 18.78 6.62 1.70
N ASP B 370 19.23 6.31 2.91
CA ASP B 370 18.82 7.05 4.09
C ASP B 370 19.21 8.52 3.95
N PHE B 371 20.42 8.75 3.44
CA PHE B 371 20.94 10.10 3.24
C PHE B 371 20.06 10.86 2.26
N ALA B 372 19.81 10.26 1.10
CA ALA B 372 19.02 10.89 0.05
C ALA B 372 17.62 11.24 0.53
N VAL B 373 17.02 10.34 1.30
CA VAL B 373 15.65 10.53 1.78
C VAL B 373 15.62 11.59 2.88
N SER B 374 16.65 11.61 3.71
CA SER B 374 16.67 12.54 4.83
C SER B 374 16.89 13.97 4.36
N ASN B 375 17.81 14.15 3.42
CA ASN B 375 18.07 15.48 2.86
C ASN B 375 16.83 15.97 2.11
N PHE B 376 16.14 15.05 1.45
CA PHE B 376 14.87 15.36 0.80
C PHE B 376 13.89 15.95 1.83
N VAL B 377 13.82 15.31 3.00
CA VAL B 377 12.92 15.76 4.06
C VAL B 377 13.32 17.14 4.56
N ASP B 378 14.62 17.36 4.69
CA ASP B 378 15.12 18.63 5.20
C ASP B 378 14.81 19.77 4.24
N ASN B 379 15.08 19.56 2.95
CA ASN B 379 14.87 20.60 1.94
C ASN B 379 13.41 20.96 1.77
N LEU B 380 12.54 19.96 1.77
CA LEU B 380 11.11 20.18 1.51
C LEU B 380 10.29 20.31 2.78
N TYR B 381 10.78 19.76 3.88
CA TYR B 381 10.06 19.79 5.14
C TYR B 381 11.00 20.05 6.31
N GLY B 382 11.50 21.27 6.42
CA GLY B 382 12.37 21.63 7.53
C GLY B 382 11.62 21.50 8.84
N TYR B 383 12.27 20.91 9.84
CA TYR B 383 11.63 20.67 11.13
C TYR B 383 11.23 22.01 11.76
N PRO B 384 9.98 22.13 12.23
CA PRO B 384 9.57 23.39 12.85
C PRO B 384 9.87 23.42 14.35
N GLY B 386 9.50 17.84 14.13
CA GLY B 386 8.54 16.88 13.60
C GLY B 386 9.07 16.09 12.42
N LYS B 387 10.28 16.40 11.98
CA LYS B 387 10.88 15.75 10.82
C LYS B 387 11.19 14.27 11.08
N ASP B 388 11.59 13.96 12.32
CA ASP B 388 11.95 12.60 12.68
C ASP B 388 10.87 11.60 12.31
N VAL B 389 9.64 11.89 12.72
CA VAL B 389 8.49 11.06 12.42
C VAL B 389 8.37 10.88 10.92
N LEU B 390 8.53 12.00 10.20
CA LEU B 390 8.26 12.05 8.76
C LEU B 390 9.23 11.22 7.94
N ARG B 391 10.51 11.29 8.26
CA ARG B 391 11.52 10.55 7.50
C ARG B 391 11.28 9.06 7.64
N GLU B 392 10.73 8.65 8.77
CA GLU B 392 10.50 7.23 9.04
C GLU B 392 9.26 6.73 8.30
N THR B 393 8.23 7.55 8.27
CA THR B 393 7.01 7.21 7.54
C THR B 393 7.29 7.04 6.06
N ILE B 394 8.13 7.93 5.53
CA ILE B 394 8.48 7.91 4.12
C ILE B 394 9.38 6.72 3.81
N LYS B 395 10.38 6.51 4.65
CA LYS B 395 11.32 5.41 4.46
C LYS B 395 10.60 4.06 4.37
N PHE B 396 9.51 3.94 5.13
CA PHE B 396 8.73 2.71 5.13
C PHE B 396 7.94 2.60 3.83
N MET B 397 7.25 3.68 3.47
CA MET B 397 6.37 3.68 2.32
C MET B 397 7.12 3.40 1.02
N TYR B 398 8.36 3.86 0.92
CA TYR B 398 9.11 3.73 -0.33
C TYR B 398 10.22 2.68 -0.23
N THR B 399 9.89 1.56 0.41
CA THR B 399 10.73 0.37 0.33
C THR B 399 9.84 -0.82 0.02
N ASP B 400 10.29 -1.68 -0.90
CA ASP B 400 9.54 -2.87 -1.26
C ASP B 400 9.96 -4.03 -0.37
N TRP B 401 9.15 -4.27 0.66
CA TRP B 401 9.46 -5.28 1.66
C TRP B 401 9.52 -6.67 1.05
N ALA B 402 9.02 -6.81 -0.18
CA ALA B 402 9.13 -8.07 -0.90
C ALA B 402 10.60 -8.50 -0.94
N ASP B 403 11.47 -7.57 -1.28
CA ASP B 403 12.92 -7.79 -1.21
C ASP B 403 13.63 -6.53 -0.71
N ARG B 404 13.52 -6.26 0.58
CA ARG B 404 14.02 -5.01 1.15
C ARG B 404 15.55 -4.83 1.07
N HIS B 405 16.28 -5.87 0.68
CA HIS B 405 17.73 -5.77 0.65
C HIS B 405 18.27 -5.64 -0.78
N ASN B 406 17.40 -5.83 -1.77
CA ASN B 406 17.81 -5.72 -3.17
C ASN B 406 18.27 -4.28 -3.47
N PRO B 407 19.51 -4.10 -3.93
CA PRO B 407 19.97 -2.74 -4.25
C PRO B 407 19.40 -2.19 -5.56
N GLU B 408 19.03 -3.07 -6.47
CA GLU B 408 18.41 -2.65 -7.73
C GLU B 408 16.99 -2.13 -7.48
N THR B 409 16.35 -2.66 -6.44
CA THR B 409 14.99 -2.28 -6.11
C THR B 409 14.96 -1.01 -5.24
N ARG B 410 16.04 -0.76 -4.51
CA ARG B 410 16.12 0.41 -3.65
C ARG B 410 16.16 1.70 -4.48
N ARG B 411 16.82 1.67 -5.63
CA ARG B 411 16.87 2.85 -6.49
C ARG B 411 15.49 3.06 -7.14
N LYS B 412 14.86 1.97 -7.57
CA LYS B 412 13.59 2.05 -8.26
C LYS B 412 12.53 2.71 -7.37
N THR B 413 12.63 2.48 -6.08
CA THR B 413 11.65 3.01 -5.14
C THR B 413 12.02 4.42 -4.68
N LEU B 414 13.32 4.70 -4.57
CA LEU B 414 13.79 6.03 -4.21
C LEU B 414 13.51 6.99 -5.35
N LEU B 415 13.74 6.51 -6.57
CA LEU B 415 13.41 7.27 -7.76
C LEU B 415 11.92 7.58 -7.76
N ALA B 416 11.13 6.65 -7.24
CA ALA B 416 9.68 6.80 -7.20
C ALA B 416 9.30 7.88 -6.20
N LEU B 417 10.10 8.02 -5.14
CA LEU B 417 9.84 9.03 -4.13
C LEU B 417 9.84 10.41 -4.77
N PHE B 418 10.94 10.74 -5.45
CA PHE B 418 11.05 12.00 -6.16
C PHE B 418 9.93 12.13 -7.20
N THR B 419 9.82 11.12 -8.06
CA THR B 419 8.80 11.11 -9.10
C THR B 419 7.41 11.40 -8.53
N ASP B 420 7.04 10.66 -7.49
CA ASP B 420 5.70 10.77 -6.91
C ASP B 420 5.45 12.16 -6.33
N HIS B 421 6.42 12.68 -5.58
CA HIS B 421 6.22 13.94 -4.87
C HIS B 421 6.23 15.16 -5.80
N GLN B 422 7.14 15.17 -6.76
CA GLN B 422 7.33 16.33 -7.61
C GLN B 422 6.38 16.37 -8.81
N TRP B 423 5.95 15.20 -9.28
CA TRP B 423 5.14 15.12 -10.49
C TRP B 423 3.78 14.48 -10.30
N VAL B 424 3.74 13.28 -9.72
CA VAL B 424 2.51 12.49 -9.70
C VAL B 424 1.44 13.13 -8.81
N ALA B 425 1.77 13.38 -7.55
CA ALA B 425 0.79 13.90 -6.60
C ALA B 425 0.22 15.24 -7.05
N PRO B 426 1.10 16.17 -7.50
CA PRO B 426 0.55 17.43 -8.03
C PRO B 426 -0.39 17.21 -9.22
N ALA B 427 -0.05 16.24 -10.07
CA ALA B 427 -0.86 15.94 -11.25
C ALA B 427 -2.23 15.36 -10.86
N VAL B 428 -2.24 14.40 -9.94
CA VAL B 428 -3.50 13.77 -9.53
C VAL B 428 -4.39 14.81 -8.85
N ALA B 429 -3.80 15.59 -7.95
CA ALA B 429 -4.53 16.65 -7.28
C ALA B 429 -5.16 17.59 -8.30
N THR B 430 -4.37 18.02 -9.27
CA THR B 430 -4.87 18.86 -10.35
C THR B 430 -5.97 18.13 -11.11
N ALA B 431 -5.71 16.87 -11.46
CA ALA B 431 -6.69 16.07 -12.18
C ALA B 431 -7.96 15.93 -11.37
N ASP B 432 -7.82 15.70 -10.06
CA ASP B 432 -8.98 15.55 -9.19
C ASP B 432 -9.84 16.81 -9.16
N LEU B 433 -9.21 17.95 -8.88
CA LEU B 433 -9.95 19.19 -8.70
C LEU B 433 -10.58 19.68 -9.99
N HIS B 434 -9.96 19.36 -11.13
CA HIS B 434 -10.52 19.76 -12.42
C HIS B 434 -11.79 18.98 -12.71
N SER B 435 -11.71 17.66 -12.62
CA SER B 435 -12.88 16.82 -12.85
C SER B 435 -13.94 17.13 -11.82
N ASN B 436 -13.49 17.45 -10.61
CA ASN B 436 -14.40 17.77 -9.51
C ASN B 436 -15.29 18.96 -9.85
N PHE B 437 -14.70 19.98 -10.48
CA PHE B 437 -15.45 21.22 -10.76
C PHE B 437 -16.07 21.24 -12.16
N GLY B 438 -15.96 20.14 -12.89
CA GLY B 438 -16.74 19.98 -14.11
C GLY B 438 -15.98 19.98 -15.43
N SER B 439 -14.65 20.09 -15.36
CA SER B 439 -13.84 20.09 -16.58
C SER B 439 -13.67 18.66 -17.11
N PRO B 440 -14.00 18.43 -18.39
CA PRO B 440 -13.68 17.13 -18.96
C PRO B 440 -12.19 16.81 -18.84
N THR B 441 -11.85 15.94 -17.89
CA THR B 441 -10.45 15.65 -17.59
C THR B 441 -10.07 14.28 -18.15
N TYR B 442 -8.80 14.16 -18.53
CA TYR B 442 -8.23 12.88 -18.95
C TYR B 442 -6.84 12.70 -18.36
N PHE B 443 -6.54 11.49 -17.91
CA PHE B 443 -5.25 11.24 -17.27
C PHE B 443 -4.53 10.07 -17.92
N TYR B 444 -3.20 10.11 -17.90
CA TYR B 444 -2.41 9.03 -18.47
C TYR B 444 -1.13 8.80 -17.67
N ALA B 445 -0.52 7.65 -17.91
CA ALA B 445 0.79 7.34 -17.37
C ALA B 445 1.65 6.77 -18.49
N PHE B 446 2.74 7.46 -18.81
CA PHE B 446 3.58 7.10 -19.95
C PHE B 446 4.67 6.14 -19.51
N TYR B 447 4.59 4.90 -19.98
CA TYR B 447 5.46 3.83 -19.52
C TYR B 447 6.28 3.21 -20.65
N HIS B 448 6.74 4.06 -21.56
CA HIS B 448 7.65 3.61 -22.61
C HIS B 448 8.63 4.72 -22.95
N HIS B 449 9.73 4.34 -23.60
CA HIS B 449 10.70 5.29 -24.08
C HIS B 449 11.69 4.59 -25.00
N CYS B 450 12.65 5.36 -25.51
CA CYS B 450 13.66 4.82 -26.41
C CYS B 450 15.03 5.05 -25.76
N GLN B 451 15.65 3.96 -25.29
CA GLN B 451 16.89 4.08 -24.53
C GLN B 451 18.03 4.54 -25.43
N THR B 452 18.65 5.64 -25.02
CA THR B 452 19.81 6.20 -25.70
C THR B 452 21.09 5.61 -25.08
N ASP B 453 22.21 5.78 -25.77
CA ASP B 453 23.49 5.37 -25.21
C ASP B 453 23.89 6.32 -24.08
N GLN B 454 23.12 7.39 -23.90
CA GLN B 454 23.39 8.36 -22.85
C GLN B 454 22.63 8.05 -21.54
N VAL B 455 21.54 7.29 -21.65
CA VAL B 455 20.77 6.93 -20.48
C VAL B 455 21.20 5.55 -19.99
N PRO B 456 21.09 5.30 -18.68
CA PRO B 456 21.36 3.94 -18.20
C PRO B 456 20.42 2.92 -18.84
N ALA B 457 20.88 1.67 -18.96
CA ALA B 457 20.07 0.63 -19.58
C ALA B 457 18.92 0.20 -18.68
N TRP B 458 19.02 0.56 -17.41
CA TRP B 458 18.02 0.17 -16.41
C TRP B 458 16.94 1.23 -16.22
N ALA B 459 17.12 2.40 -16.84
CA ALA B 459 16.21 3.51 -16.64
C ALA B 459 14.94 3.35 -17.49
N ASP B 460 13.80 3.70 -16.89
CA ASP B 460 12.52 3.65 -17.57
C ASP B 460 12.21 5.03 -18.18
N ALA B 461 10.94 5.23 -18.55
CA ALA B 461 10.52 6.51 -19.13
C ALA B 461 10.85 7.66 -18.19
N ALA B 462 11.81 8.48 -18.58
CA ALA B 462 12.27 9.59 -17.75
C ALA B 462 11.58 10.90 -18.14
N HIS B 463 11.97 11.98 -17.48
CA HIS B 463 11.38 13.29 -17.72
C HIS B 463 11.62 13.74 -19.16
N GLY B 464 10.54 14.07 -19.86
CA GLY B 464 10.62 14.56 -21.23
C GLY B 464 10.70 13.48 -22.28
N ASP B 465 10.68 12.22 -21.87
CA ASP B 465 10.83 11.11 -22.81
C ASP B 465 9.57 10.90 -23.66
N GLU B 466 8.48 11.54 -23.27
CA GLU B 466 7.22 11.42 -23.99
C GLU B 466 7.13 12.44 -25.13
N VAL B 467 8.02 13.42 -25.12
CA VAL B 467 8.02 14.49 -26.12
C VAL B 467 8.22 13.93 -27.53
N PRO B 468 9.25 13.11 -27.75
CA PRO B 468 9.48 12.65 -29.13
C PRO B 468 8.32 11.81 -29.68
N TYR B 469 7.54 11.20 -28.81
CA TYR B 469 6.40 10.41 -29.22
C TYR B 469 5.23 11.33 -29.56
N VAL B 470 5.10 12.43 -28.83
CA VAL B 470 4.03 13.39 -29.07
C VAL B 470 4.28 14.14 -30.37
N LEU B 471 5.55 14.38 -30.70
CA LEU B 471 5.89 15.13 -31.90
C LEU B 471 6.03 14.22 -33.12
N GLY B 472 6.07 12.90 -32.90
CA GLY B 472 6.11 11.94 -33.99
C GLY B 472 7.48 11.70 -34.59
N ILE B 473 8.52 11.90 -33.80
CA ILE B 473 9.88 11.77 -34.28
C ILE B 473 10.19 10.36 -34.79
N PRO B 474 9.69 9.31 -34.11
CA PRO B 474 9.97 7.96 -34.61
C PRO B 474 9.59 7.77 -36.08
N MET B 475 8.63 8.55 -36.55
CA MET B 475 8.19 8.49 -37.95
C MET B 475 9.30 8.91 -38.90
N ILE B 476 10.05 9.94 -38.51
CA ILE B 476 11.13 10.47 -39.33
C ILE B 476 12.42 9.69 -39.09
N GLY B 477 12.52 9.06 -37.93
CA GLY B 477 13.73 8.37 -37.54
C GLY B 477 14.59 9.25 -36.65
N PRO B 478 15.75 8.73 -36.23
CA PRO B 478 16.65 9.48 -35.33
C PRO B 478 17.03 10.86 -35.88
N THR B 479 16.99 11.87 -35.02
CA THR B 479 17.38 13.22 -35.38
C THR B 479 18.53 13.66 -34.47
N GLU B 480 19.16 14.77 -34.82
CA GLU B 480 20.28 15.29 -34.03
C GLU B 480 19.89 15.51 -32.58
N LEU B 481 18.63 15.92 -32.37
CA LEU B 481 18.14 16.17 -31.03
C LEU B 481 17.68 14.86 -30.39
N PHE B 482 17.00 14.03 -31.17
CA PHE B 482 16.51 12.74 -30.70
C PHE B 482 17.20 11.61 -31.47
N PRO B 483 18.44 11.27 -31.08
CA PRO B 483 19.25 10.32 -31.85
C PRO B 483 18.98 8.85 -31.53
N CYS B 484 17.97 8.55 -30.72
CA CYS B 484 17.72 7.16 -30.35
C CYS B 484 17.33 6.35 -31.57
N ASN B 485 17.68 5.06 -31.54
CA ASN B 485 17.29 4.15 -32.60
C ASN B 485 15.85 3.68 -32.35
N PHE B 486 14.90 4.46 -32.86
CA PHE B 486 13.49 4.15 -32.67
C PHE B 486 13.13 2.87 -33.41
N SER B 487 12.45 1.97 -32.72
CA SER B 487 12.09 0.70 -33.33
C SER B 487 10.79 0.81 -34.11
N LYS B 488 10.29 -0.34 -34.52
CA LYS B 488 9.03 -0.43 -35.24
C LYS B 488 7.88 -0.17 -34.27
N ASN B 489 8.08 -0.58 -33.02
CA ASN B 489 7.09 -0.38 -31.97
C ASN B 489 6.98 1.09 -31.60
N ASP B 490 8.12 1.78 -31.60
CA ASP B 490 8.14 3.21 -31.30
C ASP B 490 7.28 3.96 -32.31
N VAL B 491 7.42 3.60 -33.58
CA VAL B 491 6.67 4.26 -34.64
C VAL B 491 5.19 4.04 -34.39
N MET B 492 4.83 2.82 -34.02
CA MET B 492 3.43 2.47 -33.78
C MET B 492 2.85 3.18 -32.57
N LEU B 493 3.60 3.19 -31.47
CA LEU B 493 3.15 3.86 -30.25
C LEU B 493 2.97 5.35 -30.51
N SER B 494 3.89 5.92 -31.26
CA SER B 494 3.84 7.34 -31.60
C SER B 494 2.56 7.69 -32.36
N ALA B 495 2.25 6.87 -33.36
CA ALA B 495 1.03 7.06 -34.13
C ALA B 495 -0.19 7.04 -33.23
N VAL B 496 -0.15 6.18 -32.22
CA VAL B 496 -1.26 6.05 -31.27
C VAL B 496 -1.34 7.29 -30.39
N VAL B 497 -0.19 7.74 -29.89
CA VAL B 497 -0.15 8.94 -29.05
C VAL B 497 -0.64 10.14 -29.84
N MET B 498 -0.07 10.34 -31.03
CA MET B 498 -0.44 11.48 -31.86
C MET B 498 -1.93 11.44 -32.18
N THR B 499 -2.49 10.25 -32.32
CA THR B 499 -3.90 10.10 -32.63
C THR B 499 -4.75 10.55 -31.44
N TYR B 500 -4.36 10.13 -30.23
CA TYR B 500 -5.06 10.57 -29.02
C TYR B 500 -5.01 12.09 -28.88
N TRP B 501 -3.80 12.62 -28.97
CA TRP B 501 -3.59 14.06 -28.83
C TRP B 501 -4.43 14.84 -29.84
N THR B 502 -4.33 14.48 -31.11
CA THR B 502 -4.97 15.22 -32.17
C THR B 502 -6.50 15.01 -32.18
N ASN B 503 -6.96 13.84 -31.78
CA ASN B 503 -8.39 13.62 -31.61
C ASN B 503 -8.92 14.58 -30.55
N PHE B 504 -8.17 14.68 -29.46
CA PHE B 504 -8.50 15.58 -28.36
C PHE B 504 -8.55 17.04 -28.83
N ALA B 505 -7.59 17.44 -29.64
CA ALA B 505 -7.57 18.79 -30.19
C ALA B 505 -8.78 19.04 -31.07
N LYS B 506 -9.20 18.01 -31.80
CA LYS B 506 -10.29 18.12 -32.76
C LYS B 506 -11.67 18.16 -32.09
N THR B 507 -11.83 17.40 -31.01
CA THR B 507 -13.17 17.18 -30.45
C THR B 507 -13.24 17.31 -28.93
N GLY B 508 -12.09 17.55 -28.29
CA GLY B 508 -12.05 17.55 -26.84
C GLY B 508 -12.20 16.16 -26.28
N ASP B 509 -12.05 15.16 -27.16
CA ASP B 509 -12.19 13.77 -26.78
C ASP B 509 -11.12 12.95 -27.50
N PRO B 510 -10.18 12.36 -26.74
CA PRO B 510 -9.09 11.64 -27.41
C PRO B 510 -9.55 10.39 -28.17
N ASN B 511 -10.84 10.09 -28.15
CA ASN B 511 -11.38 8.92 -28.85
C ASN B 511 -12.08 9.31 -30.15
N GLN B 512 -12.51 10.56 -30.25
CA GLN B 512 -13.28 11.03 -31.40
C GLN B 512 -12.47 11.97 -32.30
N PRO B 513 -12.19 11.55 -33.55
CA PRO B 513 -11.53 12.45 -34.50
C PRO B 513 -12.48 13.50 -35.09
N VAL B 514 -13.77 13.21 -35.09
CA VAL B 514 -14.76 14.06 -35.72
C VAL B 514 -16.02 14.02 -34.85
N PRO B 515 -16.71 15.17 -34.69
CA PRO B 515 -16.46 16.50 -35.26
C PRO B 515 -15.50 17.35 -34.44
N VAL B 531 -8.88 0.44 -27.73
CA VAL B 531 -8.73 0.89 -26.34
C VAL B 531 -9.36 2.27 -26.19
N ALA B 532 -10.50 2.32 -25.50
CA ALA B 532 -11.20 3.58 -25.28
C ALA B 532 -10.64 4.29 -24.05
N TRP B 533 -10.11 5.49 -24.25
CA TRP B 533 -9.58 6.29 -23.16
C TRP B 533 -10.74 6.94 -22.43
N THR B 534 -11.01 6.46 -21.21
CA THR B 534 -12.18 6.89 -20.45
C THR B 534 -11.92 8.18 -19.70
N ARG B 535 -13.00 8.96 -19.53
CA ARG B 535 -12.94 10.21 -18.81
C ARG B 535 -12.54 9.99 -17.36
N TYR B 536 -11.71 10.89 -16.83
CA TYR B 536 -11.21 10.80 -15.46
C TYR B 536 -12.21 11.42 -14.49
N SER B 537 -12.22 10.90 -13.26
CA SER B 537 -13.04 11.48 -12.20
C SER B 537 -12.43 11.13 -10.85
N GLN B 538 -12.63 12.00 -9.87
CA GLN B 538 -11.98 11.86 -8.58
C GLN B 538 -12.37 10.55 -7.89
N LYS B 539 -13.57 10.05 -8.20
CA LYS B 539 -14.08 8.83 -7.59
C LYS B 539 -13.42 7.58 -8.18
N ASP B 540 -13.54 7.41 -9.50
CA ASP B 540 -13.02 6.22 -10.16
C ASP B 540 -11.57 6.38 -10.58
N GLN B 541 -11.20 7.61 -10.95
CA GLN B 541 -9.81 7.93 -11.30
C GLN B 541 -9.23 7.02 -12.36
N LEU B 542 -10.02 6.76 -13.40
CA LEU B 542 -9.54 5.99 -14.54
C LEU B 542 -8.51 6.79 -15.33
N TYR B 543 -7.49 6.10 -15.82
CA TYR B 543 -6.44 6.75 -16.60
C TYR B 543 -5.94 5.81 -17.68
N LEU B 544 -5.25 6.36 -18.67
CA LEU B 544 -4.72 5.54 -19.75
C LEU B 544 -3.24 5.22 -19.52
N HIS B 545 -2.97 3.94 -19.28
CA HIS B 545 -1.61 3.46 -19.13
C HIS B 545 -0.97 3.29 -20.50
N ILE B 546 -0.20 4.29 -20.91
CA ILE B 546 0.39 4.29 -22.25
C ILE B 546 1.67 3.46 -22.27
N GLY B 547 1.63 2.37 -23.03
CA GLY B 547 2.79 1.55 -23.27
C GLY B 547 2.65 0.85 -24.61
N LEU B 548 3.54 -0.10 -24.89
CA LEU B 548 3.45 -0.87 -26.13
C LEU B 548 2.16 -1.67 -26.15
N LYS B 549 1.55 -1.83 -24.98
CA LYS B 549 0.26 -2.48 -24.85
C LYS B 549 -0.60 -1.54 -24.03
N PRO B 550 -1.15 -0.49 -24.68
CA PRO B 550 -1.90 0.51 -23.92
C PRO B 550 -3.21 -0.01 -23.35
N ARG B 551 -3.36 0.11 -22.04
CA ARG B 551 -4.58 -0.29 -21.36
C ARG B 551 -5.05 0.81 -20.43
N VAL B 552 -6.35 0.80 -20.13
CA VAL B 552 -6.92 1.72 -19.15
C VAL B 552 -6.92 1.04 -17.78
N LYS B 553 -6.27 1.68 -16.81
CA LYS B 553 -6.25 1.18 -15.43
C LYS B 553 -7.04 2.14 -14.55
N GLU B 554 -6.78 2.11 -13.25
CA GLU B 554 -7.50 2.96 -12.30
C GLU B 554 -6.63 3.30 -11.09
N HIS B 555 -6.87 4.48 -10.53
CA HIS B 555 -6.20 4.93 -9.31
C HIS B 555 -4.68 4.75 -9.38
N TYR B 556 -4.04 5.53 -10.24
CA TYR B 556 -2.60 5.44 -10.46
C TYR B 556 -1.83 5.73 -9.17
N ARG B 557 -1.13 4.72 -8.67
CA ARG B 557 -0.28 4.87 -7.49
C ARG B 557 -0.97 5.65 -6.38
N ALA B 558 -2.26 5.39 -6.20
CA ALA B 558 -3.07 6.11 -5.22
C ALA B 558 -2.51 5.93 -3.81
N ASN B 559 -1.93 4.76 -3.56
CA ASN B 559 -1.35 4.46 -2.25
C ASN B 559 -0.27 5.48 -1.89
N LYS B 560 0.62 5.74 -2.85
CA LYS B 560 1.72 6.66 -2.63
C LYS B 560 1.28 8.11 -2.78
N VAL B 561 0.27 8.33 -3.61
CA VAL B 561 -0.25 9.68 -3.84
C VAL B 561 -0.91 10.21 -2.58
N ASN B 562 -1.87 9.47 -2.05
CA ASN B 562 -2.66 9.91 -0.90
C ASN B 562 -1.78 10.12 0.33
N LEU B 563 -0.57 9.58 0.30
CA LEU B 563 0.39 9.83 1.36
C LEU B 563 0.69 11.32 1.43
N TRP B 564 0.91 11.92 0.26
CA TRP B 564 1.30 13.31 0.16
C TRP B 564 0.10 14.26 0.17
N LEU B 565 -1.07 13.76 -0.24
CA LEU B 565 -2.26 14.60 -0.35
C LEU B 565 -3.12 14.56 0.90
N GLU B 566 -3.03 13.47 1.66
CA GLU B 566 -3.94 13.25 2.78
C GLU B 566 -3.22 13.09 4.12
N LEU B 567 -2.09 12.37 4.12
CA LEU B 567 -1.41 12.06 5.38
C LEU B 567 -0.47 13.16 5.83
N VAL B 568 0.61 13.38 5.08
CA VAL B 568 1.66 14.31 5.49
C VAL B 568 1.10 15.69 5.87
N PRO B 569 0.11 16.17 5.10
CA PRO B 569 -0.51 17.45 5.51
C PRO B 569 -1.10 17.41 6.92
N HIS B 570 -1.88 16.37 7.23
CA HIS B 570 -2.49 16.27 8.55
C HIS B 570 -1.45 16.13 9.65
N LEU B 571 -0.22 15.78 9.27
CA LEU B 571 0.88 15.69 10.23
C LEU B 571 1.41 17.09 10.52
#